data_9MOJ
#
_entry.id   9MOJ
#
_cell.length_a   180.236
_cell.length_b   180.236
_cell.length_c   51.203
_cell.angle_alpha   90.000
_cell.angle_beta   90.000
_cell.angle_gamma   120.000
#
_symmetry.space_group_name_H-M   'P 63'
#
loop_
_entity.id
_entity.type
_entity.pdbx_description
1 polymer SsoGINS51
2 polymer 'GINS subunit domain-containing protein'
3 water water
#
loop_
_entity_poly.entity_id
_entity_poly.type
_entity_poly.pdbx_seq_one_letter_code
_entity_poly.pdbx_strand_id
1 'polypeptide(L)'
;MLDELVKKELSEEEITEIKLEEIIKYITLIKKSKTFVSSEIRKEELKFLSELAESLFELRLSKVLEGKVGKGFDEFIFDI
FKILKQFYVDLLTGRYIIYNDKIYCIVQKPLIYNDHRVNEGDVLVLPMREALPLIIASYLTPYKIDIEEQL
;
A,B
2 'polypeptide(L)'
;MIEVKLRAIKRLSNVYTRRVMIIEDWNGSSITTGNIELVKGSENQLPQWLAIILEGKKVAKIEDKISIEDLGRILFQERQ
NMNTPASLVPLGKDFTSRVQLYLETLRKDNNVESLEKLRKSIGILNEIIKIRLRKLIQLAFLNIDDQNLINGMTEEELLI
YKTIKQLIKELYGDIIGNS
;
C,D
#
# COMPACT_ATOMS: atom_id res chain seq x y z
N MET A 1 8.25 9.72 22.17
CA MET A 1 9.16 8.73 21.62
C MET A 1 8.61 8.17 20.32
N LEU A 2 9.48 7.53 19.54
CA LEU A 2 9.07 7.02 18.22
C LEU A 2 8.12 5.84 18.34
N ASP A 3 8.34 4.97 19.34
CA ASP A 3 7.47 3.81 19.50
C ASP A 3 6.04 4.23 19.80
N GLU A 4 5.87 5.30 20.57
CA GLU A 4 4.52 5.82 20.83
C GLU A 4 3.87 6.32 19.55
N LEU A 5 4.63 7.04 18.71
CA LEU A 5 4.06 7.58 17.48
C LEU A 5 3.69 6.46 16.51
N VAL A 6 4.52 5.42 16.43
CA VAL A 6 4.22 4.29 15.55
C VAL A 6 3.01 3.51 16.09
N LYS A 7 2.96 3.30 17.41
CA LYS A 7 1.85 2.55 17.99
C LYS A 7 0.53 3.27 17.77
N LYS A 8 0.50 4.59 17.95
CA LYS A 8 -0.72 5.34 17.71
C LYS A 8 -1.08 5.39 16.24
N GLU A 9 -0.08 5.36 15.35
CA GLU A 9 -0.37 5.37 13.92
C GLU A 9 -0.98 4.05 13.46
N LEU A 10 -0.61 2.94 14.12
CA LEU A 10 -1.20 1.65 13.77
C LEU A 10 -2.64 1.55 14.26
N SER A 11 -2.95 2.10 15.44
CA SER A 11 -4.27 1.94 16.03
C SER A 11 -5.28 2.91 15.43
N GLU A 12 -4.83 4.06 14.93
CA GLU A 12 -5.73 5.08 14.41
C GLU A 12 -5.98 4.86 12.92
N GLU A 13 -7.21 5.15 12.48
CA GLU A 13 -7.53 5.05 11.07
C GLU A 13 -7.08 6.31 10.31
N GLU A 14 -7.26 7.48 10.91
CA GLU A 14 -6.84 8.73 10.32
C GLU A 14 -5.38 9.00 10.64
N ILE A 15 -4.82 10.01 9.97
CA ILE A 15 -3.44 10.40 10.19
C ILE A 15 -3.36 11.20 11.48
N THR A 16 -2.53 10.76 12.41
CA THR A 16 -2.42 11.44 13.70
C THR A 16 -1.76 12.80 13.53
N GLU A 17 -2.18 13.74 14.37
CA GLU A 17 -1.67 15.11 14.31
C GLU A 17 -0.38 15.17 15.12
N ILE A 18 0.74 14.95 14.45
CA ILE A 18 2.06 15.04 15.06
C ILE A 18 2.56 16.46 14.84
N LYS A 19 2.46 17.29 15.87
CA LYS A 19 2.86 18.68 15.74
C LYS A 19 4.39 18.81 15.77
N LEU A 20 4.87 19.91 15.19
CA LEU A 20 6.31 20.12 15.08
C LEU A 20 6.98 20.23 16.43
N GLU A 21 6.27 20.79 17.43
CA GLU A 21 6.85 20.94 18.76
C GLU A 21 7.26 19.59 19.34
N GLU A 22 6.48 18.54 19.10
CA GLU A 22 6.82 17.22 19.62
C GLU A 22 8.04 16.65 18.91
N ILE A 23 8.19 16.92 17.62
CA ILE A 23 9.35 16.42 16.89
C ILE A 23 10.63 17.13 17.34
N ILE A 24 10.57 18.45 17.52
CA ILE A 24 11.74 19.19 17.99
C ILE A 24 12.12 18.73 19.39
N LYS A 25 11.12 18.42 20.23
CA LYS A 25 11.41 17.96 21.58
C LYS A 25 12.14 16.62 21.56
N TYR A 26 11.73 15.70 20.68
CA TYR A 26 12.37 14.39 20.63
C TYR A 26 13.77 14.47 20.01
N ILE A 27 13.96 15.38 19.03
CA ILE A 27 15.30 15.56 18.46
C ILE A 27 16.24 16.14 19.50
N THR A 28 15.76 17.07 20.33
CA THR A 28 16.57 17.60 21.41
C THR A 28 16.96 16.50 22.39
N LEU A 29 16.04 15.57 22.66
CA LEU A 29 16.36 14.44 23.54
C LEU A 29 17.48 13.59 22.96
N ILE A 30 17.45 13.35 21.64
CA ILE A 30 18.49 12.54 21.01
C ILE A 30 19.84 13.21 21.15
N LYS A 31 19.91 14.53 20.91
CA LYS A 31 21.17 15.24 21.05
C LYS A 31 21.68 15.21 22.49
N LYS A 32 20.78 15.42 23.45
CA LYS A 32 21.18 15.41 24.85
C LYS A 32 21.67 14.03 25.29
N SER A 33 21.13 12.96 24.70
CA SER A 33 21.54 11.62 25.09
C SER A 33 23.01 11.36 24.79
N LYS A 34 23.60 12.09 23.86
CA LYS A 34 25.00 11.87 23.52
C LYS A 34 25.91 12.08 24.72
N THR A 35 25.47 12.87 25.70
CA THR A 35 26.28 13.13 26.89
C THR A 35 26.42 11.87 27.75
N PHE A 36 25.33 11.10 27.89
CA PHE A 36 25.29 10.00 28.85
C PHE A 36 25.30 8.62 28.21
N VAL A 37 24.84 8.48 26.97
CA VAL A 37 24.71 7.18 26.33
C VAL A 37 26.05 6.77 25.73
N SER A 38 26.47 5.54 26.01
CA SER A 38 27.71 5.02 25.45
C SER A 38 27.58 4.83 23.95
N SER A 39 28.73 4.76 23.28
CA SER A 39 28.74 4.60 21.83
C SER A 39 28.23 3.22 21.41
N GLU A 40 28.40 2.21 22.25
CA GLU A 40 27.93 0.87 21.91
C GLU A 40 26.41 0.80 21.94
N ILE A 41 25.80 1.32 23.01
CA ILE A 41 24.34 1.32 23.11
C ILE A 41 23.73 2.25 22.07
N ARG A 42 24.37 3.41 21.86
CA ARG A 42 23.83 4.38 20.91
C ARG A 42 23.81 3.82 19.49
N LYS A 43 24.83 3.04 19.13
CA LYS A 43 24.88 2.48 17.78
C LYS A 43 23.80 1.42 17.57
N GLU A 44 23.63 0.52 18.54
CA GLU A 44 22.59 -0.50 18.43
C GLU A 44 21.20 0.12 18.49
N GLU A 45 21.02 1.17 19.29
CA GLU A 45 19.72 1.81 19.39
C GLU A 45 19.37 2.59 18.13
N LEU A 46 20.39 3.06 17.39
CA LEU A 46 20.11 3.80 16.17
C LEU A 46 19.42 2.92 15.13
N LYS A 47 19.75 1.62 15.08
CA LYS A 47 19.10 0.73 14.13
C LYS A 47 17.61 0.62 14.44
N PHE A 48 17.25 0.42 15.70
CA PHE A 48 15.85 0.22 16.04
C PHE A 48 15.05 1.51 15.99
N LEU A 49 15.68 2.65 16.28
CA LEU A 49 14.97 3.92 16.19
C LEU A 49 14.77 4.34 14.74
N SER A 50 15.78 4.12 13.89
CA SER A 50 15.62 4.46 12.48
C SER A 50 14.62 3.53 11.80
N GLU A 51 14.49 2.29 12.27
CA GLU A 51 13.47 1.39 11.74
C GLU A 51 12.07 1.84 12.15
N LEU A 52 11.94 2.37 13.37
CA LEU A 52 10.64 2.90 13.79
C LEU A 52 10.28 4.17 13.04
N ALA A 53 11.26 5.06 12.82
CA ALA A 53 10.98 6.26 12.03
C ALA A 53 10.66 5.90 10.59
N GLU A 54 11.34 4.89 10.05
CA GLU A 54 11.02 4.41 8.72
C GLU A 54 9.59 3.92 8.65
N SER A 55 9.15 3.14 9.64
CA SER A 55 7.78 2.65 9.66
C SER A 55 6.79 3.79 9.81
N LEU A 56 7.11 4.79 10.62
CA LEU A 56 6.21 5.93 10.78
C LEU A 56 5.98 6.64 9.44
N PHE A 57 7.04 6.81 8.64
CA PHE A 57 6.88 7.37 7.31
C PHE A 57 5.99 6.49 6.44
N GLU A 58 6.24 5.18 6.45
CA GLU A 58 5.48 4.27 5.60
C GLU A 58 4.01 4.24 5.99
N LEU A 59 3.72 4.16 7.28
CA LEU A 59 2.33 4.12 7.73
C LEU A 59 1.58 5.39 7.35
N ARG A 60 2.20 6.55 7.53
CA ARG A 60 1.51 7.80 7.21
C ARG A 60 1.36 7.99 5.71
N LEU A 61 2.37 7.59 4.94
CA LEU A 61 2.26 7.68 3.48
C LEU A 61 1.24 6.69 2.94
N SER A 62 1.09 5.52 3.58
CA SER A 62 0.06 4.58 3.17
C SER A 62 -1.33 5.17 3.36
N LYS A 63 -1.54 5.89 4.48
CA LYS A 63 -2.82 6.55 4.69
C LYS A 63 -3.06 7.65 3.68
N VAL A 64 -2.00 8.34 3.24
CA VAL A 64 -2.14 9.35 2.20
C VAL A 64 -2.59 8.70 0.90
N LEU A 65 -2.05 7.52 0.58
CA LEU A 65 -2.45 6.82 -0.63
C LEU A 65 -3.90 6.39 -0.58
N GLU A 66 -4.35 5.92 0.59
CA GLU A 66 -5.73 5.44 0.72
C GLU A 66 -6.75 6.56 0.64
N GLY A 67 -6.33 7.81 0.84
CA GLY A 67 -7.22 8.95 0.73
C GLY A 67 -7.33 9.80 1.99
N LYS A 68 -6.64 9.46 3.08
CA LYS A 68 -6.71 10.26 4.29
C LYS A 68 -6.01 11.61 4.08
N VAL A 69 -6.55 12.64 4.74
CA VAL A 69 -6.00 13.99 4.64
C VAL A 69 -4.89 14.13 5.68
N GLY A 70 -3.71 14.55 5.22
CA GLY A 70 -2.55 14.64 6.09
C GLY A 70 -2.41 16.00 6.73
N LYS A 71 -2.22 16.00 8.05
CA LYS A 71 -2.00 17.22 8.82
C LYS A 71 -0.93 16.95 9.87
N GLY A 72 -0.01 17.89 10.01
CA GLY A 72 1.03 17.78 11.00
C GLY A 72 2.30 18.47 10.53
N PHE A 73 3.40 18.14 11.22
CA PHE A 73 4.69 18.75 10.89
C PHE A 73 5.15 18.36 9.50
N ASP A 74 4.82 17.16 9.05
CA ASP A 74 5.29 16.63 7.78
C ASP A 74 4.31 16.88 6.64
N GLU A 75 3.44 17.88 6.77
CA GLU A 75 2.50 18.18 5.69
C GLU A 75 3.24 18.63 4.43
N PHE A 76 4.36 19.34 4.58
CA PHE A 76 5.12 19.75 3.41
C PHE A 76 5.71 18.55 2.67
N ILE A 77 5.87 17.41 3.35
CA ILE A 77 6.34 16.20 2.67
C ILE A 77 5.21 15.56 1.87
N PHE A 78 3.99 15.53 2.43
CA PHE A 78 2.86 15.00 1.70
C PHE A 78 2.53 15.85 0.48
N ASP A 79 2.74 17.17 0.56
CA ASP A 79 2.48 18.04 -0.57
C ASP A 79 3.40 17.70 -1.75
N ILE A 80 4.65 17.32 -1.47
CA ILE A 80 5.55 16.89 -2.53
C ILE A 80 5.03 15.60 -3.16
N PHE A 81 4.44 14.73 -2.35
CA PHE A 81 3.85 13.50 -2.88
C PHE A 81 2.69 13.79 -3.83
N LYS A 82 1.87 14.79 -3.49
CA LYS A 82 0.77 15.16 -4.38
C LYS A 82 1.29 15.72 -5.70
N ILE A 83 2.41 16.43 -5.67
CA ILE A 83 3.01 16.93 -6.91
C ILE A 83 3.45 15.78 -7.80
N LEU A 84 4.04 14.74 -7.19
CA LEU A 84 4.44 13.57 -7.96
C LEU A 84 3.24 12.90 -8.61
N LYS A 85 2.11 12.82 -7.91
CA LYS A 85 0.93 12.19 -8.47
C LYS A 85 0.34 13.03 -9.59
N GLN A 86 0.27 14.36 -9.40
CA GLN A 86 -0.32 15.21 -10.44
C GLN A 86 0.54 15.22 -11.70
N PHE A 87 1.86 15.22 -11.54
CA PHE A 87 2.74 15.08 -12.69
C PHE A 87 2.51 13.76 -13.40
N TYR A 88 2.28 12.70 -12.63
CA TYR A 88 2.03 11.38 -13.19
C TYR A 88 0.75 11.37 -14.02
N VAL A 89 -0.31 11.98 -13.50
CA VAL A 89 -1.60 11.97 -14.18
C VAL A 89 -1.56 12.87 -15.41
N ASP A 90 -1.00 14.07 -15.28
CA ASP A 90 -0.88 14.97 -16.43
C ASP A 90 -0.11 14.31 -17.56
N LEU A 91 0.97 13.59 -17.22
CA LEU A 91 1.80 12.96 -18.24
C LEU A 91 1.01 11.91 -19.02
N LEU A 92 0.35 11.00 -18.31
CA LEU A 92 -0.35 9.90 -18.96
C LEU A 92 -1.60 10.37 -19.70
N THR A 93 -2.16 11.52 -19.36
CA THR A 93 -3.33 12.04 -20.04
C THR A 93 -2.97 13.03 -21.15
N GLY A 94 -1.70 13.14 -21.50
CA GLY A 94 -1.30 13.92 -22.66
C GLY A 94 -1.27 15.41 -22.48
N ARG A 95 -1.18 15.90 -21.24
CA ARG A 95 -1.17 17.34 -21.01
C ARG A 95 0.22 17.96 -21.17
N TYR A 96 1.25 17.15 -21.41
CA TYR A 96 2.61 17.64 -21.57
C TYR A 96 3.09 17.41 -22.98
N ILE A 97 4.13 18.14 -23.37
CA ILE A 97 4.79 17.98 -24.65
C ILE A 97 6.10 17.25 -24.39
N ILE A 98 6.23 16.03 -24.91
CA ILE A 98 7.39 15.19 -24.66
C ILE A 98 8.09 14.92 -25.98
N TYR A 99 9.41 15.04 -25.98
CA TYR A 99 10.27 14.67 -27.11
C TYR A 99 11.24 13.63 -26.59
N ASN A 100 11.01 12.37 -26.98
CA ASN A 100 11.74 11.22 -26.44
C ASN A 100 11.56 11.15 -24.93
N ASP A 101 12.59 11.50 -24.17
CA ASP A 101 12.50 11.54 -22.72
C ASP A 101 12.51 12.96 -22.17
N LYS A 102 12.54 13.97 -23.03
CA LYS A 102 12.55 15.37 -22.61
C LYS A 102 11.14 15.93 -22.56
N ILE A 103 10.97 16.99 -21.78
CA ILE A 103 9.67 17.62 -21.58
C ILE A 103 9.83 19.13 -21.67
N TYR A 104 8.84 19.79 -22.27
CA TYR A 104 8.84 21.26 -22.35
C TYR A 104 8.43 21.85 -21.01
N CYS A 105 9.21 22.83 -20.54
CA CYS A 105 8.93 23.47 -19.27
C CYS A 105 9.07 24.98 -19.41
N ILE A 106 8.34 25.71 -18.58
CA ILE A 106 8.42 27.16 -18.51
C ILE A 106 9.21 27.55 -17.27
N VAL A 107 10.23 28.39 -17.46
CA VAL A 107 11.09 28.79 -16.35
C VAL A 107 10.32 29.73 -15.43
N GLN A 108 10.40 29.49 -14.13
CA GLN A 108 9.75 30.30 -13.11
C GLN A 108 10.71 31.25 -12.40
N LYS A 109 11.93 30.82 -12.15
CA LYS A 109 12.97 31.60 -11.48
C LYS A 109 14.26 31.50 -12.27
N PRO A 110 15.14 32.50 -12.16
CA PRO A 110 16.43 32.42 -12.85
C PRO A 110 17.16 31.13 -12.53
N LEU A 111 17.64 30.46 -13.57
CA LEU A 111 18.18 29.11 -13.46
C LEU A 111 19.38 28.96 -14.37
N ILE A 112 20.28 28.06 -14.00
CA ILE A 112 21.45 27.73 -14.80
C ILE A 112 21.33 26.26 -15.20
N TYR A 113 21.22 26.02 -16.51
CA TYR A 113 21.13 24.67 -17.07
C TYR A 113 22.16 24.52 -18.17
N ASN A 114 22.99 23.48 -18.06
CA ASN A 114 24.05 23.22 -19.04
C ASN A 114 24.97 24.43 -19.19
N ASP A 115 25.30 25.05 -18.06
CA ASP A 115 26.17 26.24 -18.00
C ASP A 115 25.61 27.39 -18.83
N HIS A 116 24.28 27.51 -18.88
CA HIS A 116 23.61 28.59 -19.59
C HIS A 116 22.55 29.20 -18.68
N ARG A 117 22.39 30.52 -18.79
CA ARG A 117 21.43 31.25 -17.96
C ARG A 117 20.10 31.35 -18.67
N VAL A 118 19.03 30.91 -17.99
CA VAL A 118 17.66 31.04 -18.49
C VAL A 118 16.88 31.88 -17.49
N ASN A 119 15.98 32.70 -18.00
CA ASN A 119 15.21 33.63 -17.18
C ASN A 119 13.73 33.27 -17.19
N GLU A 120 12.99 33.93 -16.30
CA GLU A 120 11.56 33.64 -16.14
C GLU A 120 10.82 33.88 -17.44
N GLY A 121 9.93 32.95 -17.79
CA GLY A 121 9.16 33.01 -19.01
C GLY A 121 9.76 32.21 -20.15
N ASP A 122 11.04 31.87 -20.08
CA ASP A 122 11.68 31.09 -21.13
C ASP A 122 11.16 29.66 -21.12
N VAL A 123 11.33 28.98 -22.26
CA VAL A 123 10.93 27.59 -22.41
C VAL A 123 12.20 26.75 -22.52
N LEU A 124 12.28 25.69 -21.71
CA LEU A 124 13.43 24.81 -21.67
C LEU A 124 12.97 23.38 -21.89
N VAL A 125 13.67 22.67 -22.78
CA VAL A 125 13.40 21.26 -23.07
C VAL A 125 14.50 20.45 -22.39
N LEU A 126 14.12 19.56 -21.48
CA LEU A 126 15.08 18.87 -20.65
C LEU A 126 14.48 17.53 -20.21
N PRO A 127 15.31 16.56 -19.87
CA PRO A 127 14.79 15.25 -19.45
C PRO A 127 13.88 15.36 -18.23
N MET A 128 12.87 14.48 -18.18
CA MET A 128 11.96 14.46 -17.05
C MET A 128 12.67 14.17 -15.74
N ARG A 129 13.75 13.38 -15.80
CA ARG A 129 14.51 13.07 -14.59
C ARG A 129 15.11 14.34 -13.98
N GLU A 130 15.40 15.34 -14.80
CA GLU A 130 15.92 16.61 -14.31
C GLU A 130 14.84 17.67 -14.15
N ALA A 131 13.72 17.54 -14.85
CA ALA A 131 12.67 18.56 -14.79
C ALA A 131 11.85 18.44 -13.52
N LEU A 132 11.49 17.22 -13.12
CA LEU A 132 10.62 17.03 -11.97
C LEU A 132 11.22 17.57 -10.67
N PRO A 133 12.49 17.32 -10.34
CA PRO A 133 13.05 17.98 -9.14
C PRO A 133 13.01 19.50 -9.22
N LEU A 134 13.22 20.07 -10.41
CA LEU A 134 13.13 21.52 -10.56
C LEU A 134 11.69 22.01 -10.53
N ILE A 135 10.73 21.15 -10.86
CA ILE A 135 9.32 21.49 -10.70
C ILE A 135 8.96 21.54 -9.22
N ILE A 136 9.43 20.55 -8.45
CA ILE A 136 9.17 20.51 -7.01
C ILE A 136 9.80 21.72 -6.32
N ALA A 137 10.95 22.17 -6.80
CA ALA A 137 11.62 23.33 -6.24
C ALA A 137 11.14 24.65 -6.84
N SER A 138 10.04 24.64 -7.58
CA SER A 138 9.40 25.84 -8.12
C SER A 138 10.29 26.60 -9.10
N TYR A 139 11.35 25.96 -9.61
CA TYR A 139 12.15 26.60 -10.65
C TYR A 139 11.52 26.44 -12.02
N LEU A 140 10.77 25.37 -12.24
CA LEU A 140 10.12 25.09 -13.51
C LEU A 140 8.67 24.70 -13.28
N THR A 141 7.84 24.96 -14.28
CA THR A 141 6.52 24.39 -14.37
C THR A 141 6.37 23.77 -15.76
N PRO A 142 5.70 22.63 -15.88
CA PRO A 142 5.58 22.00 -17.20
C PRO A 142 4.64 22.79 -18.09
N TYR A 143 5.02 22.92 -19.36
CA TYR A 143 4.13 23.51 -20.36
C TYR A 143 2.92 22.62 -20.53
N LYS A 144 1.72 23.16 -20.31
CA LYS A 144 0.50 22.38 -20.29
C LYS A 144 -0.32 22.61 -21.55
N ILE A 145 -0.79 21.52 -22.15
CA ILE A 145 -1.74 21.55 -23.26
C ILE A 145 -3.13 21.33 -22.68
N ASP A 146 -4.10 22.13 -23.13
CA ASP A 146 -5.48 21.98 -22.68
C ASP A 146 -6.16 20.95 -23.58
N ILE A 147 -6.27 19.72 -23.09
CA ILE A 147 -6.88 18.65 -23.87
C ILE A 147 -8.37 18.56 -23.56
N GLU A 148 -8.93 19.65 -23.05
CA GLU A 148 -10.35 19.68 -22.71
C GLU A 148 -11.07 20.73 -23.55
N MET B 1 -5.71 0.95 -23.76
CA MET B 1 -5.32 2.20 -23.14
C MET B 1 -4.58 1.96 -21.82
N LEU B 2 -4.80 2.86 -20.87
CA LEU B 2 -4.20 2.72 -19.55
C LEU B 2 -4.77 1.54 -18.78
N ASP B 3 -5.94 1.04 -19.17
CA ASP B 3 -6.52 -0.10 -18.48
C ASP B 3 -5.66 -1.35 -18.60
N GLU B 4 -4.94 -1.50 -19.73
CA GLU B 4 -4.02 -2.63 -19.88
C GLU B 4 -2.97 -2.60 -18.78
N LEU B 5 -2.35 -1.44 -18.56
CA LEU B 5 -1.30 -1.32 -17.54
C LEU B 5 -1.88 -1.49 -16.14
N VAL B 6 -3.10 -1.03 -15.91
CA VAL B 6 -3.69 -1.14 -14.57
C VAL B 6 -4.05 -2.59 -14.25
N LYS B 7 -4.62 -3.31 -15.22
CA LYS B 7 -4.97 -4.71 -15.00
C LYS B 7 -3.73 -5.53 -14.67
N LYS B 8 -2.68 -5.38 -15.46
CA LYS B 8 -1.46 -6.15 -15.23
C LYS B 8 -0.83 -5.79 -13.89
N GLU B 9 -0.89 -4.51 -13.51
CA GLU B 9 -0.37 -4.10 -12.21
C GLU B 9 -1.20 -4.67 -11.07
N LEU B 10 -2.50 -4.82 -11.27
CA LEU B 10 -3.37 -5.35 -10.23
C LEU B 10 -3.18 -6.85 -10.03
N SER B 11 -2.71 -7.57 -11.05
CA SER B 11 -2.58 -9.02 -10.97
C SER B 11 -1.22 -9.48 -10.48
N GLU B 12 -0.15 -8.76 -10.81
CA GLU B 12 1.19 -9.17 -10.44
C GLU B 12 1.58 -8.56 -9.09
N GLU B 13 2.39 -9.30 -8.33
CA GLU B 13 2.85 -8.82 -7.04
C GLU B 13 4.01 -7.84 -7.19
N GLU B 14 4.91 -8.09 -8.13
CA GLU B 14 6.03 -7.20 -8.37
C GLU B 14 5.60 -6.03 -9.24
N ILE B 15 6.46 -5.02 -9.29
CA ILE B 15 6.20 -3.83 -10.12
C ILE B 15 6.47 -4.20 -11.57
N THR B 16 5.47 -3.99 -12.42
CA THR B 16 5.62 -4.32 -13.83
C THR B 16 6.57 -3.34 -14.52
N GLU B 17 7.31 -3.86 -15.50
CA GLU B 17 8.25 -3.04 -16.26
C GLU B 17 7.47 -2.32 -17.36
N ILE B 18 7.14 -1.05 -17.11
CA ILE B 18 6.43 -0.23 -18.07
C ILE B 18 7.47 0.63 -18.77
N LYS B 19 7.86 0.26 -19.98
CA LYS B 19 8.82 1.04 -20.74
C LYS B 19 8.22 2.37 -21.17
N LEU B 20 9.09 3.36 -21.36
CA LEU B 20 8.62 4.69 -21.74
C LEU B 20 7.90 4.68 -23.09
N GLU B 21 8.26 3.74 -23.97
CA GLU B 21 7.61 3.66 -25.27
C GLU B 21 6.13 3.33 -25.12
N GLU B 22 5.77 2.50 -24.14
CA GLU B 22 4.36 2.22 -23.89
C GLU B 22 3.62 3.50 -23.52
N ILE B 23 4.24 4.34 -22.69
CA ILE B 23 3.62 5.61 -22.30
C ILE B 23 3.48 6.54 -23.50
N ILE B 24 4.51 6.59 -24.35
CA ILE B 24 4.44 7.42 -25.55
C ILE B 24 3.31 6.96 -26.45
N LYS B 25 3.10 5.64 -26.53
CA LYS B 25 2.04 5.09 -27.38
C LYS B 25 0.68 5.66 -27.00
N TYR B 26 0.36 5.65 -25.71
CA TYR B 26 -0.96 6.12 -25.26
C TYR B 26 -1.07 7.63 -25.37
N ILE B 27 0.01 8.35 -25.07
CA ILE B 27 0.00 9.81 -25.19
C ILE B 27 -0.24 10.21 -26.65
N THR B 28 0.38 9.48 -27.58
CA THR B 28 0.18 9.76 -28.99
C THR B 28 -1.28 9.61 -29.39
N LEU B 29 -1.94 8.56 -28.91
CA LEU B 29 -3.35 8.35 -29.24
C LEU B 29 -4.22 9.47 -28.66
N ILE B 30 -3.96 9.88 -27.42
CA ILE B 30 -4.72 10.96 -26.81
C ILE B 30 -4.54 12.25 -27.62
N LYS B 31 -3.34 12.48 -28.15
CA LYS B 31 -3.08 13.69 -28.90
C LYS B 31 -3.78 13.66 -30.26
N LYS B 32 -3.65 12.55 -30.99
CA LYS B 32 -4.26 12.46 -32.32
C LYS B 32 -5.78 12.53 -32.24
N SER B 33 -6.38 12.09 -31.14
CA SER B 33 -7.83 12.00 -31.04
C SER B 33 -8.50 13.37 -31.04
N LYS B 34 -7.77 14.44 -30.70
CA LYS B 34 -8.38 15.76 -30.60
C LYS B 34 -8.86 16.30 -31.94
N THR B 35 -8.48 15.68 -33.06
CA THR B 35 -8.88 16.17 -34.37
C THR B 35 -10.11 15.47 -34.94
N PHE B 36 -10.48 14.30 -34.40
CA PHE B 36 -11.59 13.56 -34.97
C PHE B 36 -12.53 12.92 -33.95
N VAL B 37 -12.25 13.03 -32.66
CA VAL B 37 -13.16 12.52 -31.63
C VAL B 37 -14.01 13.68 -31.12
N SER B 38 -15.32 13.45 -31.04
CA SER B 38 -16.23 14.51 -30.59
C SER B 38 -15.93 14.90 -29.15
N SER B 39 -16.20 16.17 -28.84
CA SER B 39 -15.89 16.68 -27.51
C SER B 39 -16.72 16.01 -26.42
N GLU B 40 -17.95 15.60 -26.75
CA GLU B 40 -18.80 14.94 -25.75
C GLU B 40 -18.20 13.61 -25.32
N ILE B 41 -17.76 12.80 -26.29
CA ILE B 41 -17.18 11.50 -25.97
C ILE B 41 -15.80 11.68 -25.35
N ARG B 42 -15.03 12.65 -25.83
CA ARG B 42 -13.65 12.79 -25.39
C ARG B 42 -13.56 13.29 -23.95
N LYS B 43 -14.49 14.13 -23.51
CA LYS B 43 -14.45 14.64 -22.15
C LYS B 43 -14.73 13.54 -21.14
N GLU B 44 -15.77 12.73 -21.38
CA GLU B 44 -16.06 11.62 -20.48
C GLU B 44 -14.94 10.59 -20.51
N GLU B 45 -14.34 10.38 -21.69
CA GLU B 45 -13.27 9.39 -21.81
C GLU B 45 -12.01 9.81 -21.09
N LEU B 46 -11.65 11.11 -21.18
CA LEU B 46 -10.46 11.59 -20.49
C LEU B 46 -10.63 11.54 -18.98
N LYS B 47 -11.87 11.67 -18.48
CA LYS B 47 -12.11 11.51 -17.06
C LYS B 47 -11.79 10.09 -16.61
N PHE B 48 -12.22 9.09 -17.38
CA PHE B 48 -11.93 7.69 -17.04
C PHE B 48 -10.44 7.40 -17.15
N LEU B 49 -9.77 7.96 -18.16
CA LEU B 49 -8.34 7.72 -18.32
C LEU B 49 -7.54 8.38 -17.22
N SER B 50 -7.97 9.57 -16.78
CA SER B 50 -7.28 10.24 -15.67
C SER B 50 -7.39 9.44 -14.39
N GLU B 51 -8.56 8.87 -14.12
CA GLU B 51 -8.72 8.02 -12.93
C GLU B 51 -7.87 6.77 -13.03
N LEU B 52 -7.77 6.18 -14.23
CA LEU B 52 -6.92 5.02 -14.42
C LEU B 52 -5.44 5.37 -14.22
N ALA B 53 -5.05 6.60 -14.58
CA ALA B 53 -3.68 7.02 -14.36
C ALA B 53 -3.39 7.21 -12.88
N GLU B 54 -4.36 7.72 -12.12
CA GLU B 54 -4.24 7.78 -10.66
C GLU B 54 -4.04 6.39 -10.09
N SER B 55 -4.88 5.44 -10.52
CA SER B 55 -4.79 4.08 -9.98
C SER B 55 -3.44 3.45 -10.30
N LEU B 56 -2.93 3.65 -11.51
CA LEU B 56 -1.63 3.10 -11.86
C LEU B 56 -0.54 3.66 -10.96
N PHE B 57 -0.58 4.96 -10.67
CA PHE B 57 0.36 5.57 -9.74
C PHE B 57 0.19 4.99 -8.34
N GLU B 58 -1.05 4.88 -7.88
CA GLU B 58 -1.30 4.38 -6.53
C GLU B 58 -0.87 2.93 -6.37
N LEU B 59 -1.15 2.10 -7.39
CA LEU B 59 -0.78 0.70 -7.32
C LEU B 59 0.73 0.51 -7.27
N ARG B 60 1.47 1.30 -8.06
CA ARG B 60 2.92 1.14 -8.11
C ARG B 60 3.58 1.74 -6.87
N LEU B 61 3.06 2.87 -6.37
CA LEU B 61 3.60 3.43 -5.13
C LEU B 61 3.29 2.53 -3.94
N SER B 62 2.15 1.83 -3.96
CA SER B 62 1.86 0.86 -2.90
C SER B 62 2.91 -0.23 -2.85
N LYS B 63 3.34 -0.73 -4.02
CA LYS B 63 4.37 -1.75 -4.06
C LYS B 63 5.73 -1.20 -3.63
N VAL B 64 6.01 0.07 -3.95
CA VAL B 64 7.25 0.70 -3.48
C VAL B 64 7.25 0.77 -1.96
N LEU B 65 6.11 1.13 -1.37
CA LEU B 65 6.01 1.21 0.09
C LEU B 65 6.29 -0.13 0.74
N GLU B 66 5.93 -1.23 0.09
CA GLU B 66 6.14 -2.56 0.65
C GLU B 66 7.56 -3.07 0.48
N GLY B 67 8.36 -2.43 -0.36
CA GLY B 67 9.74 -2.81 -0.56
C GLY B 67 10.09 -3.36 -1.92
N LYS B 68 9.12 -3.46 -2.83
CA LYS B 68 9.41 -3.95 -4.17
C LYS B 68 10.31 -2.96 -4.91
N VAL B 69 11.17 -3.51 -5.76
CA VAL B 69 12.11 -2.70 -6.55
C VAL B 69 11.47 -2.35 -7.87
N GLY B 70 11.34 -1.06 -8.15
CA GLY B 70 10.66 -0.59 -9.35
C GLY B 70 11.61 -0.32 -10.50
N LYS B 71 11.20 -0.72 -11.69
CA LYS B 71 11.94 -0.46 -12.91
C LYS B 71 10.96 -0.07 -14.00
N GLY B 72 11.31 0.94 -14.77
CA GLY B 72 10.47 1.42 -15.84
C GLY B 72 10.64 2.91 -16.04
N PHE B 73 9.68 3.48 -16.78
CA PHE B 73 9.77 4.89 -17.14
C PHE B 73 9.69 5.81 -15.92
N ASP B 74 9.02 5.36 -14.86
CA ASP B 74 8.78 6.20 -13.69
C ASP B 74 9.73 5.89 -12.54
N GLU B 75 10.91 5.34 -12.83
CA GLU B 75 11.87 5.06 -11.78
C GLU B 75 12.38 6.35 -11.13
N PHE B 76 12.53 7.42 -11.92
CA PHE B 76 12.97 8.70 -11.36
C PHE B 76 11.95 9.27 -10.39
N ILE B 77 10.67 8.93 -10.55
CA ILE B 77 9.66 9.34 -9.59
C ILE B 77 9.82 8.58 -8.28
N PHE B 78 10.11 7.27 -8.37
CA PHE B 78 10.30 6.48 -7.15
C PHE B 78 11.55 6.91 -6.40
N ASP B 79 12.59 7.34 -7.11
CA ASP B 79 13.80 7.79 -6.45
C ASP B 79 13.55 9.03 -5.60
N ILE B 80 12.66 9.91 -6.06
CA ILE B 80 12.30 11.08 -5.28
C ILE B 80 11.59 10.65 -3.99
N PHE B 81 10.74 9.62 -4.10
CA PHE B 81 10.05 9.10 -2.92
C PHE B 81 11.05 8.56 -1.90
N LYS B 82 12.12 7.92 -2.36
CA LYS B 82 13.14 7.44 -1.44
C LYS B 82 13.90 8.59 -0.80
N ILE B 83 14.03 9.72 -1.49
CA ILE B 83 14.66 10.90 -0.89
C ILE B 83 13.80 11.43 0.25
N LEU B 84 12.48 11.48 0.06
CA LEU B 84 11.59 11.89 1.14
C LEU B 84 11.71 10.96 2.34
N LYS B 85 11.81 9.66 2.08
CA LYS B 85 11.95 8.68 3.15
C LYS B 85 13.23 8.90 3.94
N GLN B 86 14.36 9.04 3.23
CA GLN B 86 15.64 9.19 3.90
C GLN B 86 15.70 10.49 4.70
N PHE B 87 15.14 11.57 4.15
CA PHE B 87 15.03 12.82 4.91
C PHE B 87 14.21 12.62 6.18
N TYR B 88 13.14 11.84 6.09
CA TYR B 88 12.30 11.59 7.25
C TYR B 88 13.06 10.83 8.33
N VAL B 89 13.79 9.80 7.94
CA VAL B 89 14.53 8.99 8.92
C VAL B 89 15.67 9.80 9.53
N ASP B 90 16.43 10.50 8.71
CA ASP B 90 17.53 11.31 9.23
C ASP B 90 17.05 12.37 10.20
N LEU B 91 15.90 12.98 9.90
CA LEU B 91 15.35 14.00 10.79
C LEU B 91 14.99 13.42 12.14
N LEU B 92 14.22 12.33 12.15
CA LEU B 92 13.73 11.77 13.40
C LEU B 92 14.79 11.03 14.20
N THR B 93 15.94 10.72 13.61
CA THR B 93 17.03 10.08 14.33
C THR B 93 18.14 11.06 14.71
N GLY B 94 17.85 12.37 14.64
CA GLY B 94 18.77 13.38 15.15
C GLY B 94 20.02 13.59 14.32
N ARG B 95 19.96 13.33 13.02
CA ARG B 95 21.13 13.49 12.16
C ARG B 95 21.22 14.87 11.53
N TYR B 96 20.21 15.71 11.71
CA TYR B 96 20.21 17.07 11.17
C TYR B 96 20.27 18.08 12.31
N ILE B 97 20.94 19.20 12.06
CA ILE B 97 20.97 20.31 13.00
C ILE B 97 19.73 21.17 12.76
N ILE B 98 18.86 21.26 13.76
CA ILE B 98 17.60 21.99 13.65
C ILE B 98 17.68 23.20 14.57
N TYR B 99 17.32 24.37 14.04
CA TYR B 99 17.25 25.61 14.80
C TYR B 99 15.84 26.17 14.59
N ASN B 100 14.98 26.01 15.60
CA ASN B 100 13.56 26.34 15.51
C ASN B 100 12.96 25.46 14.41
N ASP B 101 12.41 26.02 13.34
CA ASP B 101 11.88 25.24 12.23
C ASP B 101 12.86 25.15 11.06
N LYS B 102 14.08 25.63 11.24
CA LYS B 102 15.07 25.66 10.17
C LYS B 102 16.03 24.49 10.29
N ILE B 103 16.83 24.30 9.24
CA ILE B 103 17.75 23.17 9.14
C ILE B 103 19.02 23.64 8.45
N TYR B 104 20.16 23.14 8.93
CA TYR B 104 21.46 23.45 8.33
C TYR B 104 21.64 22.66 7.04
N CYS B 105 22.00 23.36 5.97
CA CYS B 105 22.23 22.72 4.68
C CYS B 105 23.51 23.27 4.06
N ILE B 106 24.18 22.42 3.29
CA ILE B 106 25.39 22.79 2.57
C ILE B 106 25.03 23.00 1.11
N VAL B 107 25.49 24.12 0.55
CA VAL B 107 25.19 24.48 -0.83
C VAL B 107 26.00 23.62 -1.77
N GLN B 108 25.36 23.14 -2.84
CA GLN B 108 26.01 22.32 -3.86
C GLN B 108 26.22 23.04 -5.18
N LYS B 109 25.23 23.80 -5.64
CA LYS B 109 25.28 24.58 -6.87
C LYS B 109 24.99 26.04 -6.55
N PRO B 110 25.44 26.97 -7.39
CA PRO B 110 25.12 28.38 -7.18
C PRO B 110 23.63 28.60 -7.02
N LEU B 111 23.26 29.33 -5.96
CA LEU B 111 21.88 29.45 -5.53
C LEU B 111 21.55 30.89 -5.20
N ILE B 112 20.32 31.31 -5.54
CA ILE B 112 19.80 32.61 -5.17
C ILE B 112 18.71 32.38 -4.14
N TYR B 113 19.00 32.71 -2.89
CA TYR B 113 18.06 32.56 -1.78
C TYR B 113 17.88 33.91 -1.10
N ASN B 114 16.62 34.38 -1.01
CA ASN B 114 16.29 35.66 -0.41
C ASN B 114 17.05 36.80 -1.08
N ASP B 115 17.15 36.73 -2.41
CA ASP B 115 17.85 37.73 -3.23
C ASP B 115 19.32 37.84 -2.83
N HIS B 116 19.91 36.75 -2.37
CA HIS B 116 21.32 36.70 -2.00
C HIS B 116 21.99 35.54 -2.70
N ARG B 117 23.17 35.79 -3.26
CA ARG B 117 23.90 34.79 -4.03
C ARG B 117 24.82 34.00 -3.11
N VAL B 118 24.68 32.67 -3.12
CA VAL B 118 25.55 31.77 -2.39
C VAL B 118 26.13 30.75 -3.35
N ASN B 119 27.29 30.21 -2.99
CA ASN B 119 28.02 29.27 -3.83
C ASN B 119 28.29 27.97 -3.08
N GLU B 120 28.88 27.01 -3.79
CA GLU B 120 29.13 25.69 -3.24
C GLU B 120 30.02 25.78 -1.99
N GLY B 121 29.73 24.92 -1.02
CA GLY B 121 30.45 24.91 0.23
C GLY B 121 29.85 25.77 1.32
N ASP B 122 29.03 26.76 0.95
CA ASP B 122 28.40 27.62 1.93
C ASP B 122 27.39 26.86 2.77
N VAL B 123 27.06 27.41 3.93
CA VAL B 123 26.09 26.82 4.84
C VAL B 123 24.90 27.76 4.94
N LEU B 124 23.70 27.21 4.84
CA LEU B 124 22.46 27.98 4.85
C LEU B 124 21.49 27.37 5.85
N VAL B 125 20.88 28.21 6.66
CA VAL B 125 19.90 27.78 7.66
C VAL B 125 18.55 28.33 7.22
N LEU B 126 17.71 27.45 6.68
CA LEU B 126 16.44 27.84 6.09
C LEU B 126 15.37 26.85 6.53
N PRO B 127 14.09 27.23 6.44
CA PRO B 127 13.02 26.33 6.87
C PRO B 127 13.02 25.03 6.09
N MET B 128 12.45 23.99 6.73
CA MET B 128 12.44 22.66 6.12
C MET B 128 11.57 22.62 4.88
N ARG B 129 10.41 23.28 4.91
CA ARG B 129 9.52 23.30 3.76
C ARG B 129 10.18 23.91 2.53
N GLU B 130 11.17 24.77 2.72
CA GLU B 130 11.93 25.32 1.59
C GLU B 130 13.19 24.53 1.31
N ALA B 131 13.75 23.85 2.32
CA ALA B 131 15.00 23.14 2.14
C ALA B 131 14.81 21.84 1.38
N LEU B 132 13.75 21.08 1.69
CA LEU B 132 13.56 19.77 1.06
C LEU B 132 13.41 19.86 -0.45
N PRO B 133 12.60 20.76 -1.02
CA PRO B 133 12.59 20.87 -2.50
C PRO B 133 13.95 21.19 -3.08
N LEU B 134 14.77 21.98 -2.38
CA LEU B 134 16.11 22.28 -2.88
C LEU B 134 17.05 21.09 -2.71
N ILE B 135 16.79 20.22 -1.74
CA ILE B 135 17.56 18.99 -1.61
C ILE B 135 17.26 18.05 -2.77
N ILE B 136 15.98 17.94 -3.14
CA ILE B 136 15.58 17.07 -4.25
C ILE B 136 16.17 17.57 -5.56
N ALA B 137 16.27 18.88 -5.73
CA ALA B 137 16.84 19.49 -6.92
C ALA B 137 18.36 19.64 -6.84
N SER B 138 18.99 19.04 -5.84
CA SER B 138 20.45 18.97 -5.72
C SER B 138 21.09 20.34 -5.52
N TYR B 139 20.31 21.37 -5.19
CA TYR B 139 20.90 22.65 -4.83
C TYR B 139 21.44 22.65 -3.41
N LEU B 140 20.85 21.84 -2.52
CA LEU B 140 21.29 21.74 -1.14
C LEU B 140 21.45 20.29 -0.73
N THR B 141 22.27 20.09 0.29
CA THR B 141 22.42 18.80 0.95
C THR B 141 22.42 19.04 2.46
N PRO B 142 21.54 18.40 3.22
CA PRO B 142 21.45 18.70 4.65
C PRO B 142 22.74 18.36 5.39
N TYR B 143 23.16 19.26 6.26
CA TYR B 143 24.31 19.00 7.11
C TYR B 143 24.02 17.81 8.00
N LYS B 144 24.79 16.73 7.82
CA LYS B 144 24.60 15.49 8.54
C LYS B 144 25.58 15.41 9.70
N ILE B 145 25.05 15.31 10.92
CA ILE B 145 25.89 15.19 12.10
C ILE B 145 26.55 13.82 12.11
N ASP B 146 27.88 13.81 12.18
CA ASP B 146 28.62 12.56 12.26
C ASP B 146 28.45 11.94 13.64
N ILE B 147 27.99 10.69 13.68
CA ILE B 147 27.78 10.02 14.96
C ILE B 147 29.12 9.85 15.68
N GLU B 148 29.05 9.85 17.02
CA GLU B 148 30.22 9.76 17.87
C GLU B 148 31.21 10.87 17.57
N MET C 1 -3.80 -0.91 1.76
CA MET C 1 -3.52 -1.18 0.35
C MET C 1 -4.77 -1.72 -0.34
N ILE C 2 -5.70 -2.27 0.45
CA ILE C 2 -6.93 -2.79 -0.12
C ILE C 2 -7.76 -1.66 -0.73
N GLU C 3 -7.71 -0.47 -0.13
CA GLU C 3 -8.49 0.66 -0.63
C GLU C 3 -8.02 1.08 -2.02
N VAL C 4 -6.70 1.03 -2.25
CA VAL C 4 -6.17 1.34 -3.57
C VAL C 4 -6.69 0.34 -4.59
N LYS C 5 -6.68 -0.94 -4.26
CA LYS C 5 -7.14 -1.95 -5.20
C LYS C 5 -8.65 -1.86 -5.43
N LEU C 6 -9.41 -1.46 -4.40
CA LEU C 6 -10.84 -1.28 -4.58
C LEU C 6 -11.14 -0.20 -5.62
N ARG C 7 -10.45 0.93 -5.53
CA ARG C 7 -10.65 2.00 -6.51
C ARG C 7 -10.22 1.56 -7.90
N ALA C 8 -9.11 0.81 -8.00
CA ALA C 8 -8.65 0.34 -9.30
C ALA C 8 -9.66 -0.60 -9.93
N ILE C 9 -10.25 -1.49 -9.14
CA ILE C 9 -11.25 -2.41 -9.68
C ILE C 9 -12.48 -1.65 -10.16
N LYS C 10 -12.96 -0.71 -9.33
CA LYS C 10 -14.14 0.06 -9.70
C LYS C 10 -13.90 0.87 -10.98
N ARG C 11 -12.68 1.37 -11.16
CA ARG C 11 -12.36 2.14 -12.36
C ARG C 11 -12.14 1.25 -13.58
N LEU C 12 -11.75 -0.01 -13.38
CA LEU C 12 -11.59 -0.93 -14.50
C LEU C 12 -12.93 -1.40 -15.07
N SER C 13 -13.98 -1.43 -14.23
CA SER C 13 -15.28 -1.91 -14.70
C SER C 13 -15.89 -1.01 -15.76
N ASN C 14 -15.40 0.23 -15.90
CA ASN C 14 -15.94 1.12 -16.91
C ASN C 14 -15.50 0.75 -18.32
N VAL C 15 -14.44 -0.04 -18.46
CA VAL C 15 -13.86 -0.36 -19.75
C VAL C 15 -13.98 -1.83 -20.10
N TYR C 16 -14.81 -2.59 -19.38
CA TYR C 16 -15.05 -3.97 -19.73
C TYR C 16 -15.70 -4.07 -21.12
N THR C 17 -15.28 -5.07 -21.89
CA THR C 17 -15.81 -5.25 -23.24
C THR C 17 -17.20 -5.87 -23.16
N ARG C 18 -18.15 -5.25 -23.86
CA ARG C 18 -19.54 -5.69 -23.83
C ARG C 18 -20.02 -5.98 -25.25
N ARG C 19 -20.67 -7.12 -25.44
CA ARG C 19 -21.25 -7.48 -26.73
C ARG C 19 -22.54 -6.70 -26.93
N VAL C 20 -22.61 -5.94 -28.03
CA VAL C 20 -23.72 -5.04 -28.29
C VAL C 20 -24.30 -5.37 -29.65
N MET C 21 -25.63 -5.24 -29.79
CA MET C 21 -26.31 -5.42 -31.06
C MET C 21 -26.63 -4.04 -31.64
N ILE C 22 -26.11 -3.76 -32.82
CA ILE C 22 -26.30 -2.47 -33.46
C ILE C 22 -27.69 -2.41 -34.07
N ILE C 23 -28.46 -1.38 -33.73
CA ILE C 23 -29.80 -1.19 -34.25
C ILE C 23 -29.90 -0.03 -35.22
N GLU C 24 -28.95 0.90 -35.22
CA GLU C 24 -28.96 2.06 -36.10
C GLU C 24 -27.55 2.32 -36.60
N ASP C 25 -27.43 2.66 -37.88
CA ASP C 25 -26.13 2.98 -38.44
C ASP C 25 -25.54 4.21 -37.77
N TRP C 26 -24.26 4.12 -37.40
CA TRP C 26 -23.60 5.20 -36.67
C TRP C 26 -22.09 5.05 -36.84
N ASN C 27 -21.45 6.08 -37.36
CA ASN C 27 -20.00 6.13 -37.48
C ASN C 27 -19.49 7.21 -36.54
N GLY C 28 -18.58 6.84 -35.64
CA GLY C 28 -18.04 7.78 -34.69
C GLY C 28 -16.62 7.42 -34.29
N SER C 29 -16.13 8.04 -33.22
CA SER C 29 -14.75 7.81 -32.81
C SER C 29 -14.61 7.98 -31.31
N SER C 30 -13.50 7.46 -30.79
CA SER C 30 -13.09 7.65 -29.40
C SER C 30 -11.59 7.36 -29.35
N ILE C 31 -10.98 7.72 -28.23
CA ILE C 31 -9.55 7.46 -28.07
C ILE C 31 -9.28 5.97 -28.00
N THR C 32 -10.16 5.22 -27.33
CA THR C 32 -9.92 3.79 -27.12
C THR C 32 -10.06 3.01 -28.42
N THR C 33 -11.14 3.26 -29.16
CA THR C 33 -11.47 2.47 -30.34
C THR C 33 -11.02 3.10 -31.65
N GLY C 34 -10.67 4.39 -31.64
CA GLY C 34 -10.43 5.05 -32.90
C GLY C 34 -11.74 5.27 -33.64
N ASN C 35 -11.64 5.47 -34.94
CA ASN C 35 -12.81 5.63 -35.79
C ASN C 35 -13.40 4.26 -36.10
N ILE C 36 -14.67 4.06 -35.75
CA ILE C 36 -15.36 2.81 -35.99
C ILE C 36 -16.63 3.08 -36.77
N GLU C 37 -17.10 2.05 -37.48
CA GLU C 37 -18.32 2.12 -38.26
C GLU C 37 -19.23 0.97 -37.86
N LEU C 38 -20.42 1.32 -37.38
CA LEU C 38 -21.38 0.34 -36.88
C LEU C 38 -22.52 0.19 -37.88
N VAL C 39 -22.87 -1.05 -38.21
CA VAL C 39 -23.90 -1.36 -39.19
C VAL C 39 -24.99 -2.17 -38.51
N LYS C 40 -26.24 -1.96 -38.94
CA LYS C 40 -27.38 -2.63 -38.32
C LYS C 40 -27.28 -4.15 -38.48
N GLY C 41 -27.80 -4.86 -37.48
CA GLY C 41 -27.85 -6.31 -37.51
C GLY C 41 -26.55 -7.02 -37.21
N SER C 42 -25.47 -6.29 -36.97
CA SER C 42 -24.15 -6.88 -36.70
C SER C 42 -23.78 -6.66 -35.24
N GLU C 43 -23.37 -7.74 -34.57
CA GLU C 43 -22.89 -7.64 -33.21
C GLU C 43 -21.44 -7.15 -33.20
N ASN C 44 -21.13 -6.29 -32.24
CA ASN C 44 -19.79 -5.73 -32.11
C ASN C 44 -19.43 -5.65 -30.64
N GLN C 45 -18.13 -5.50 -30.39
CA GLN C 45 -17.58 -5.40 -29.04
C GLN C 45 -17.15 -3.97 -28.77
N LEU C 46 -17.64 -3.39 -27.70
CA LEU C 46 -17.39 -2.00 -27.34
C LEU C 46 -17.09 -1.90 -25.85
N PRO C 47 -16.30 -0.90 -25.45
CA PRO C 47 -16.12 -0.65 -24.01
C PRO C 47 -17.45 -0.30 -23.37
N GLN C 48 -17.58 -0.65 -22.08
CA GLN C 48 -18.88 -0.54 -21.41
C GLN C 48 -19.37 0.89 -21.34
N TRP C 49 -18.47 1.84 -21.06
CA TRP C 49 -18.87 3.24 -20.97
C TRP C 49 -19.40 3.75 -22.31
N LEU C 50 -18.79 3.30 -23.41
CA LEU C 50 -19.23 3.73 -24.74
C LEU C 50 -20.51 3.02 -25.16
N ALA C 51 -20.69 1.76 -24.76
CA ALA C 51 -21.92 1.05 -25.08
C ALA C 51 -23.12 1.68 -24.39
N ILE C 52 -22.93 2.19 -23.17
CA ILE C 52 -24.02 2.86 -22.47
C ILE C 52 -24.36 4.19 -23.13
N ILE C 53 -23.35 4.92 -23.58
CA ILE C 53 -23.59 6.18 -24.28
C ILE C 53 -24.39 5.93 -25.55
N LEU C 54 -23.96 4.95 -26.35
CA LEU C 54 -24.69 4.62 -27.57
C LEU C 54 -26.06 4.01 -27.29
N GLU C 55 -26.26 3.43 -26.12
CA GLU C 55 -27.57 2.89 -25.78
C GLU C 55 -28.54 4.03 -25.46
N GLY C 56 -28.09 5.03 -24.71
CA GLY C 56 -28.93 6.17 -24.39
C GLY C 56 -29.30 7.01 -25.59
N LYS C 57 -28.51 6.96 -26.65
CA LYS C 57 -28.81 7.64 -27.90
C LYS C 57 -29.60 6.79 -28.87
N LYS C 58 -30.12 5.65 -28.41
CA LYS C 58 -30.87 4.71 -29.25
C LYS C 58 -30.07 4.27 -30.48
N VAL C 59 -28.75 4.22 -30.34
CA VAL C 59 -27.88 3.78 -31.42
C VAL C 59 -27.71 2.26 -31.41
N ALA C 60 -27.62 1.66 -30.23
CA ALA C 60 -27.45 0.22 -30.11
C ALA C 60 -28.03 -0.23 -28.78
N LYS C 61 -28.05 -1.54 -28.55
CA LYS C 61 -28.63 -2.13 -27.36
C LYS C 61 -27.67 -3.17 -26.80
N ILE C 62 -27.36 -3.06 -25.51
CA ILE C 62 -26.47 -4.03 -24.87
C ILE C 62 -27.17 -5.38 -24.79
N GLU C 63 -26.43 -6.45 -25.11
CA GLU C 63 -27.01 -7.77 -25.28
C GLU C 63 -26.80 -8.69 -24.09
N ASP C 64 -25.62 -8.66 -23.47
CA ASP C 64 -25.28 -9.61 -22.40
C ASP C 64 -25.72 -9.13 -21.01
N LYS C 65 -26.92 -8.57 -20.89
CA LYS C 65 -27.40 -8.17 -19.57
C LYS C 65 -27.76 -9.39 -18.74
N ILE C 66 -27.58 -9.27 -17.44
CA ILE C 66 -27.94 -10.33 -16.50
C ILE C 66 -29.41 -10.18 -16.15
N SER C 67 -30.06 -11.30 -15.85
CA SER C 67 -31.48 -11.32 -15.53
C SER C 67 -31.71 -12.14 -14.28
N ILE C 68 -32.95 -12.07 -13.75
CA ILE C 68 -33.29 -12.85 -12.57
C ILE C 68 -33.29 -14.34 -12.90
N GLU C 69 -33.56 -14.69 -14.16
CA GLU C 69 -33.46 -16.09 -14.56
C GLU C 69 -32.02 -16.57 -14.56
N ASP C 70 -31.09 -15.69 -14.93
CA ASP C 70 -29.67 -16.04 -14.86
C ASP C 70 -29.23 -16.20 -13.40
N LEU C 71 -29.71 -15.33 -12.52
CA LEU C 71 -29.34 -15.44 -11.11
C LEU C 71 -29.87 -16.73 -10.50
N GLY C 72 -31.09 -17.14 -10.87
CA GLY C 72 -31.61 -18.40 -10.37
C GLY C 72 -30.88 -19.60 -10.92
N ARG C 73 -30.40 -19.52 -12.16
CA ARG C 73 -29.65 -20.64 -12.73
C ARG C 73 -28.27 -20.76 -12.09
N ILE C 74 -27.64 -19.62 -11.77
CA ILE C 74 -26.35 -19.65 -11.11
C ILE C 74 -26.47 -20.20 -9.69
N LEU C 75 -27.52 -19.79 -8.97
CA LEU C 75 -27.75 -20.32 -7.63
C LEU C 75 -28.01 -21.82 -7.67
N PHE C 76 -28.72 -22.29 -8.70
CA PHE C 76 -28.98 -23.72 -8.81
C PHE C 76 -27.69 -24.50 -9.03
N GLN C 77 -26.84 -24.04 -9.95
CA GLN C 77 -25.60 -24.74 -10.23
C GLN C 77 -24.65 -24.68 -9.05
N GLU C 78 -24.64 -23.57 -8.31
CA GLU C 78 -23.80 -23.46 -7.12
C GLU C 78 -24.27 -24.42 -6.02
N ARG C 79 -25.58 -24.68 -5.95
CA ARG C 79 -26.11 -25.60 -4.96
C ARG C 79 -25.86 -27.07 -5.31
N GLN C 80 -25.48 -27.35 -6.56
CA GLN C 80 -25.30 -28.74 -6.98
C GLN C 80 -24.12 -29.41 -6.27
N ASN C 81 -23.07 -28.63 -5.95
CA ASN C 81 -21.88 -29.16 -5.28
C ASN C 81 -21.40 -28.12 -4.27
N MET C 82 -22.16 -27.96 -3.19
CA MET C 82 -21.84 -26.93 -2.20
C MET C 82 -20.56 -27.26 -1.43
N ASN C 83 -20.25 -28.54 -1.25
CA ASN C 83 -19.06 -28.94 -0.52
C ASN C 83 -17.85 -29.13 -1.41
N THR C 84 -17.97 -28.82 -2.71
CA THR C 84 -16.84 -28.94 -3.62
C THR C 84 -16.24 -27.56 -3.85
N PRO C 85 -15.06 -27.27 -3.31
CA PRO C 85 -14.48 -25.93 -3.50
C PRO C 85 -14.16 -25.60 -4.94
N ALA C 86 -13.89 -26.60 -5.78
CA ALA C 86 -13.52 -26.38 -7.17
C ALA C 86 -14.71 -26.46 -8.12
N SER C 87 -15.93 -26.25 -7.63
CA SER C 87 -17.13 -26.30 -8.44
C SER C 87 -17.74 -24.93 -8.66
N LEU C 88 -16.93 -23.88 -8.61
CA LEU C 88 -17.43 -22.53 -8.84
C LEU C 88 -17.91 -22.38 -10.28
N VAL C 89 -19.05 -21.74 -10.44
CA VAL C 89 -19.61 -21.49 -11.78
C VAL C 89 -18.82 -20.36 -12.42
N PRO C 90 -18.35 -20.52 -13.66
CA PRO C 90 -17.65 -19.41 -14.34
C PRO C 90 -18.57 -18.23 -14.57
N LEU C 91 -18.24 -17.11 -13.94
CA LEU C 91 -19.05 -15.89 -14.03
C LEU C 91 -18.44 -14.83 -14.92
N GLY C 92 -17.18 -14.49 -14.71
CA GLY C 92 -16.53 -13.46 -15.50
C GLY C 92 -16.27 -12.20 -14.68
N LYS C 93 -15.31 -11.41 -15.15
CA LYS C 93 -14.91 -10.21 -14.42
C LYS C 93 -15.98 -9.12 -14.49
N ASP C 94 -16.79 -9.11 -15.54
CA ASP C 94 -17.83 -8.11 -15.70
C ASP C 94 -19.15 -8.49 -15.05
N PHE C 95 -19.21 -9.62 -14.33
CA PHE C 95 -20.48 -10.07 -13.76
C PHE C 95 -21.00 -9.09 -12.73
N THR C 96 -20.13 -8.59 -11.85
CA THR C 96 -20.56 -7.69 -10.79
C THR C 96 -21.14 -6.39 -11.36
N SER C 97 -20.49 -5.82 -12.37
CA SER C 97 -20.98 -4.59 -12.96
C SER C 97 -22.30 -4.81 -13.68
N ARG C 98 -22.46 -5.95 -14.35
CA ARG C 98 -23.72 -6.23 -15.05
C ARG C 98 -24.86 -6.41 -14.06
N VAL C 99 -24.59 -7.02 -12.90
CA VAL C 99 -25.63 -7.16 -11.88
C VAL C 99 -26.03 -5.79 -11.34
N GLN C 100 -25.05 -4.92 -11.09
CA GLN C 100 -25.37 -3.57 -10.63
C GLN C 100 -26.18 -2.80 -11.66
N LEU C 101 -25.97 -3.08 -12.95
CA LEU C 101 -26.77 -2.42 -13.99
C LEU C 101 -28.20 -2.95 -13.99
N TYR C 102 -28.37 -4.27 -13.82
CA TYR C 102 -29.70 -4.85 -13.80
C TYR C 102 -30.49 -4.38 -12.58
N LEU C 103 -29.81 -4.24 -11.43
CA LEU C 103 -30.49 -3.77 -10.23
C LEU C 103 -30.80 -2.28 -10.31
N GLU C 104 -29.96 -1.51 -11.01
CA GLU C 104 -30.20 -0.07 -11.13
C GLU C 104 -31.40 0.21 -12.02
N THR C 105 -31.59 -0.57 -13.08
CA THR C 105 -32.74 -0.39 -13.95
C THR C 105 -34.04 -0.81 -13.25
N LEU C 106 -33.96 -1.77 -12.32
CA LEU C 106 -35.14 -2.14 -11.55
C LEU C 106 -35.55 -1.03 -10.59
N ARG C 107 -34.56 -0.35 -9.99
CA ARG C 107 -34.87 0.81 -9.15
C ARG C 107 -35.38 1.97 -9.97
N LYS C 108 -34.91 2.12 -11.21
CA LYS C 108 -35.33 3.24 -12.05
C LYS C 108 -36.78 3.09 -12.48
N ASP C 109 -37.25 1.85 -12.69
CA ASP C 109 -38.63 1.64 -13.11
C ASP C 109 -39.61 2.00 -12.01
N ASN C 110 -39.27 1.70 -10.75
CA ASN C 110 -40.10 1.97 -9.58
C ASN C 110 -41.46 1.29 -9.66
N ASN C 111 -41.60 0.26 -10.49
CA ASN C 111 -42.86 -0.47 -10.59
C ASN C 111 -42.97 -1.49 -9.47
N VAL C 112 -44.19 -1.96 -9.24
CA VAL C 112 -44.40 -3.01 -8.25
C VAL C 112 -43.74 -4.31 -8.69
N GLU C 113 -43.81 -4.61 -9.99
CA GLU C 113 -43.12 -5.79 -10.51
C GLU C 113 -41.61 -5.62 -10.47
N SER C 114 -41.12 -4.39 -10.65
CA SER C 114 -39.68 -4.17 -10.63
C SER C 114 -39.13 -4.26 -9.21
N LEU C 115 -39.86 -3.75 -8.23
CA LEU C 115 -39.41 -3.85 -6.84
C LEU C 115 -39.49 -5.28 -6.34
N GLU C 116 -40.43 -6.08 -6.84
CA GLU C 116 -40.48 -7.49 -6.46
C GLU C 116 -39.31 -8.26 -7.06
N LYS C 117 -38.97 -7.99 -8.32
CA LYS C 117 -37.78 -8.60 -8.91
C LYS C 117 -36.51 -8.11 -8.22
N LEU C 118 -36.53 -6.89 -7.67
CA LEU C 118 -35.35 -6.37 -6.98
C LEU C 118 -35.12 -7.11 -5.67
N ARG C 119 -36.17 -7.34 -4.88
CA ARG C 119 -36.02 -8.07 -3.63
C ARG C 119 -35.63 -9.52 -3.86
N LYS C 120 -36.27 -10.17 -4.84
CA LYS C 120 -35.95 -11.56 -5.14
C LYS C 120 -34.52 -11.71 -5.63
N SER C 121 -34.06 -10.79 -6.48
CA SER C 121 -32.70 -10.86 -6.97
C SER C 121 -31.69 -10.63 -5.86
N ILE C 122 -31.99 -9.73 -4.92
CA ILE C 122 -31.10 -9.52 -3.77
C ILE C 122 -31.03 -10.77 -2.92
N GLY C 123 -32.18 -11.44 -2.71
CA GLY C 123 -32.17 -12.68 -1.96
C GLY C 123 -31.37 -13.78 -2.63
N ILE C 124 -31.50 -13.90 -3.95
CA ILE C 124 -30.71 -14.89 -4.68
C ILE C 124 -29.23 -14.54 -4.62
N LEU C 125 -28.90 -13.25 -4.75
CA LEU C 125 -27.51 -12.83 -4.69
C LEU C 125 -26.88 -13.14 -3.33
N ASN C 126 -27.63 -12.94 -2.25
CA ASN C 126 -27.10 -13.26 -0.92
C ASN C 126 -26.75 -14.74 -0.80
N GLU C 127 -27.62 -15.61 -1.32
CA GLU C 127 -27.34 -17.04 -1.28
C GLU C 127 -26.17 -17.41 -2.17
N ILE C 128 -26.06 -16.77 -3.34
CA ILE C 128 -24.92 -17.02 -4.22
C ILE C 128 -23.63 -16.60 -3.55
N ILE C 129 -23.62 -15.42 -2.92
CA ILE C 129 -22.42 -14.90 -2.27
C ILE C 129 -22.00 -15.83 -1.12
N LYS C 130 -22.96 -16.27 -0.31
CA LYS C 130 -22.64 -17.18 0.79
C LYS C 130 -21.96 -18.45 0.27
N ILE C 131 -22.54 -19.07 -0.75
CA ILE C 131 -22.02 -20.33 -1.26
C ILE C 131 -20.66 -20.14 -1.90
N ARG C 132 -20.51 -19.10 -2.73
CA ARG C 132 -19.25 -18.89 -3.44
C ARG C 132 -18.14 -18.47 -2.49
N LEU C 133 -18.44 -17.62 -1.50
CA LEU C 133 -17.42 -17.21 -0.55
C LEU C 133 -16.87 -18.38 0.26
N ARG C 134 -17.76 -19.29 0.68
CA ARG C 134 -17.31 -20.46 1.41
C ARG C 134 -16.41 -21.33 0.55
N LYS C 135 -16.81 -21.56 -0.71
CA LYS C 135 -15.95 -22.31 -1.62
C LYS C 135 -14.64 -21.58 -1.89
N LEU C 136 -14.68 -20.24 -1.92
CA LEU C 136 -13.48 -19.46 -2.23
C LEU C 136 -12.47 -19.55 -1.10
N ILE C 137 -12.93 -19.40 0.15
CA ILE C 137 -12.03 -19.50 1.29
C ILE C 137 -11.39 -20.88 1.36
N GLN C 138 -12.19 -21.93 1.16
CA GLN C 138 -11.63 -23.28 1.16
C GLN C 138 -10.65 -23.47 0.01
N LEU C 139 -10.93 -22.86 -1.14
CA LEU C 139 -10.02 -22.95 -2.28
C LEU C 139 -8.69 -22.26 -1.98
N ALA C 140 -8.72 -21.18 -1.21
CA ALA C 140 -7.48 -20.47 -0.87
C ALA C 140 -6.59 -21.30 0.03
N PHE C 141 -7.18 -22.17 0.86
CA PHE C 141 -6.39 -23.02 1.75
C PHE C 141 -5.98 -24.34 1.10
N LEU C 142 -6.61 -24.72 -0.02
CA LEU C 142 -6.34 -26.02 -0.61
C LEU C 142 -5.01 -26.09 -1.34
N ASN C 143 -4.55 -24.95 -1.87
CA ASN C 143 -3.30 -24.89 -2.64
C ASN C 143 -3.34 -25.88 -3.81
N ILE C 144 -4.29 -25.63 -4.72
CA ILE C 144 -4.49 -26.45 -5.90
C ILE C 144 -4.21 -25.61 -7.12
N ASP C 145 -3.94 -26.27 -8.24
CA ASP C 145 -3.71 -25.58 -9.50
C ASP C 145 -4.98 -24.85 -9.93
N ASP C 146 -4.97 -23.54 -9.85
CA ASP C 146 -6.17 -22.71 -10.05
C ASP C 146 -5.90 -21.73 -11.19
N GLN C 147 -6.18 -22.16 -12.42
CA GLN C 147 -6.12 -21.28 -13.58
C GLN C 147 -7.46 -21.12 -14.27
N ASN C 148 -8.19 -22.21 -14.47
CA ASN C 148 -9.55 -22.11 -14.99
C ASN C 148 -10.50 -21.56 -13.93
N LEU C 149 -10.24 -21.84 -12.65
CA LEU C 149 -11.09 -21.32 -11.60
C LEU C 149 -10.90 -19.83 -11.40
N ILE C 150 -9.66 -19.34 -11.56
CA ILE C 150 -9.41 -17.90 -11.48
C ILE C 150 -10.13 -17.17 -12.60
N ASN C 151 -10.12 -17.74 -13.81
CA ASN C 151 -10.83 -17.11 -14.92
C ASN C 151 -12.33 -17.02 -14.65
N GLY C 152 -12.90 -18.00 -13.96
CA GLY C 152 -14.30 -18.03 -13.63
C GLY C 152 -14.71 -17.16 -12.46
N MET C 153 -13.77 -16.52 -11.78
CA MET C 153 -14.13 -15.64 -10.67
C MET C 153 -14.45 -14.24 -11.17
N THR C 154 -15.29 -13.54 -10.42
CA THR C 154 -15.46 -12.12 -10.67
C THR C 154 -14.22 -11.36 -10.21
N GLU C 155 -14.18 -10.07 -10.53
CA GLU C 155 -13.04 -9.25 -10.13
C GLU C 155 -12.97 -9.12 -8.61
N GLU C 156 -14.12 -8.94 -7.96
CA GLU C 156 -14.14 -8.76 -6.51
C GLU C 156 -13.78 -10.07 -5.80
N GLU C 157 -14.25 -11.20 -6.33
CA GLU C 157 -13.90 -12.49 -5.73
C GLU C 157 -12.43 -12.80 -5.92
N LEU C 158 -11.86 -12.44 -7.08
CA LEU C 158 -10.44 -12.66 -7.31
C LEU C 158 -9.60 -11.86 -6.32
N LEU C 159 -10.03 -10.64 -5.99
CA LEU C 159 -9.33 -9.85 -4.98
C LEU C 159 -9.37 -10.54 -3.63
N ILE C 160 -10.54 -11.06 -3.23
CA ILE C 160 -10.65 -11.76 -1.95
C ILE C 160 -9.76 -12.99 -1.94
N TYR C 161 -9.78 -13.76 -3.04
CA TYR C 161 -9.02 -15.00 -3.12
C TYR C 161 -7.52 -14.73 -2.99
N LYS C 162 -7.00 -13.79 -3.78
CA LYS C 162 -5.56 -13.53 -3.75
C LYS C 162 -5.13 -12.85 -2.46
N THR C 163 -6.00 -12.03 -1.86
CA THR C 163 -5.66 -11.39 -0.60
C THR C 163 -5.51 -12.43 0.51
N ILE C 164 -6.37 -13.44 0.53
CA ILE C 164 -6.27 -14.49 1.55
C ILE C 164 -4.99 -15.29 1.35
N LYS C 165 -4.68 -15.67 0.10
CA LYS C 165 -3.46 -16.43 -0.15
C LYS C 165 -2.21 -15.62 0.16
N GLN C 166 -2.25 -14.30 -0.08
CA GLN C 166 -1.10 -13.47 0.24
C GLN C 166 -0.96 -13.25 1.74
N LEU C 167 -2.08 -13.08 2.44
CA LEU C 167 -2.01 -12.90 3.89
C LEU C 167 -1.49 -14.15 4.58
N ILE C 168 -1.90 -15.33 4.12
CA ILE C 168 -1.40 -16.59 4.68
C ILE C 168 0.10 -16.70 4.45
N LYS C 169 0.54 -16.40 3.22
CA LYS C 169 1.96 -16.52 2.89
C LYS C 169 2.79 -15.50 3.66
N GLU C 170 2.26 -14.29 3.86
CA GLU C 170 3.01 -13.26 4.57
C GLU C 170 3.12 -13.56 6.06
N LEU C 171 2.07 -14.15 6.64
CA LEU C 171 2.14 -14.53 8.05
C LEU C 171 3.10 -15.71 8.24
N TYR C 172 3.11 -16.65 7.29
CA TYR C 172 4.06 -17.75 7.35
C TYR C 172 5.49 -17.23 7.30
N GLY C 173 5.78 -16.30 6.39
CA GLY C 173 7.13 -15.79 6.27
C GLY C 173 7.54 -14.92 7.43
N ASP C 174 6.59 -14.18 8.03
CA ASP C 174 6.92 -13.32 9.15
C ASP C 174 7.25 -14.13 10.39
N ILE C 175 6.56 -15.25 10.60
CA ILE C 175 6.82 -16.09 11.77
C ILE C 175 8.01 -17.00 11.53
N ILE C 176 7.96 -17.78 10.45
CA ILE C 176 9.03 -18.70 10.11
C ILE C 176 10.24 -17.93 9.56
N MET D 1 0.40 -7.09 0.83
CA MET D 1 -0.88 -6.50 1.20
C MET D 1 -0.76 -5.69 2.49
N ILE D 2 -0.28 -6.34 3.55
CA ILE D 2 -0.15 -5.70 4.85
C ILE D 2 1.32 -5.70 5.26
N GLU D 3 2.21 -5.62 4.27
CA GLU D 3 3.64 -5.72 4.56
C GLU D 3 4.12 -4.55 5.42
N VAL D 4 3.58 -3.35 5.17
CA VAL D 4 4.00 -2.18 5.93
C VAL D 4 3.64 -2.35 7.40
N LYS D 5 2.40 -2.73 7.69
CA LYS D 5 1.97 -2.85 9.08
C LYS D 5 2.63 -4.03 9.78
N LEU D 6 2.96 -5.09 9.03
CA LEU D 6 3.67 -6.21 9.64
C LEU D 6 5.07 -5.81 10.09
N ARG D 7 5.77 -5.02 9.27
CA ARG D 7 7.08 -4.53 9.68
C ARG D 7 6.97 -3.58 10.87
N ALA D 8 5.97 -2.70 10.85
CA ALA D 8 5.78 -1.78 11.97
C ALA D 8 5.51 -2.55 13.27
N ILE D 9 4.72 -3.62 13.20
CA ILE D 9 4.44 -4.43 14.38
C ILE D 9 5.72 -5.11 14.87
N LYS D 10 6.51 -5.66 13.95
CA LYS D 10 7.75 -6.34 14.34
C LYS D 10 8.74 -5.36 14.96
N ARG D 11 8.87 -4.17 14.38
CA ARG D 11 9.81 -3.19 14.93
C ARG D 11 9.34 -2.64 16.26
N LEU D 12 8.02 -2.60 16.49
CA LEU D 12 7.52 -2.23 17.81
C LEU D 12 7.85 -3.28 18.87
N SER D 13 7.92 -4.56 18.46
CA SER D 13 8.18 -5.62 19.43
C SER D 13 9.60 -5.57 19.98
N ASN D 14 10.53 -4.90 19.28
CA ASN D 14 11.88 -4.74 19.80
C ASN D 14 11.96 -3.80 20.99
N VAL D 15 10.90 -3.02 21.25
CA VAL D 15 10.85 -2.11 22.38
C VAL D 15 9.90 -2.59 23.47
N TYR D 16 9.27 -3.75 23.28
CA TYR D 16 8.36 -4.29 24.27
C TYR D 16 9.10 -4.63 25.56
N THR D 17 8.39 -4.53 26.68
CA THR D 17 8.97 -4.79 27.98
C THR D 17 9.18 -6.29 28.20
N ARG D 18 10.36 -6.67 28.67
CA ARG D 18 10.70 -8.06 28.94
C ARG D 18 11.21 -8.19 30.36
N ARG D 19 10.77 -9.25 31.05
CA ARG D 19 11.25 -9.50 32.40
C ARG D 19 12.68 -10.01 32.37
N VAL D 20 13.52 -9.46 33.24
CA VAL D 20 14.95 -9.74 33.25
C VAL D 20 15.43 -9.82 34.68
N MET D 21 16.20 -10.86 35.00
CA MET D 21 16.85 -10.99 36.30
C MET D 21 18.29 -10.54 36.16
N ILE D 22 18.64 -9.47 36.87
CA ILE D 22 19.98 -8.90 36.77
C ILE D 22 20.96 -9.78 37.53
N ILE D 23 22.06 -10.14 36.89
CA ILE D 23 23.07 -10.98 37.50
C ILE D 23 24.38 -10.25 37.78
N GLU D 24 24.61 -9.10 37.15
CA GLU D 24 25.82 -8.32 37.38
C GLU D 24 25.46 -6.84 37.38
N ASP D 25 26.13 -6.08 38.27
CA ASP D 25 25.89 -4.65 38.34
C ASP D 25 26.35 -3.96 37.06
N TRP D 26 25.56 -2.98 36.62
CA TRP D 26 25.84 -2.24 35.41
C TRP D 26 24.98 -0.98 35.39
N ASN D 27 25.60 0.16 35.16
CA ASN D 27 24.91 1.43 35.07
C ASN D 27 25.23 2.08 33.73
N GLY D 28 24.21 2.49 33.01
CA GLY D 28 24.37 3.11 31.72
C GLY D 28 23.19 3.98 31.39
N SER D 29 22.92 4.15 30.09
CA SER D 29 21.83 4.99 29.65
C SER D 29 21.49 4.66 28.20
N SER D 30 20.26 5.01 27.82
CA SER D 30 19.83 4.92 26.43
C SER D 30 18.83 6.05 26.19
N ILE D 31 18.46 6.23 24.92
CA ILE D 31 17.48 7.25 24.58
C ILE D 31 16.11 6.85 25.11
N THR D 32 15.79 5.55 25.08
CA THR D 32 14.47 5.09 25.49
C THR D 32 14.32 5.14 27.01
N THR D 33 15.22 4.49 27.73
CA THR D 33 15.11 4.35 29.18
C THR D 33 15.74 5.50 29.95
N GLY D 34 16.54 6.34 29.29
CA GLY D 34 17.26 7.35 30.03
C GLY D 34 18.34 6.72 30.89
N ASN D 35 18.77 7.46 31.91
CA ASN D 35 19.79 6.98 32.82
C ASN D 35 19.20 5.89 33.71
N ILE D 36 19.82 4.70 33.69
CA ILE D 36 19.37 3.57 34.49
C ILE D 36 20.55 3.01 35.26
N GLU D 37 20.27 2.46 36.44
CA GLU D 37 21.28 1.85 37.30
C GLU D 37 20.75 0.48 37.72
N LEU D 38 21.41 -0.58 37.27
CA LEU D 38 20.98 -1.94 37.56
C LEU D 38 21.72 -2.48 38.77
N VAL D 39 21.10 -3.44 39.45
CA VAL D 39 21.64 -4.04 40.67
C VAL D 39 21.37 -5.54 40.65
N LYS D 40 22.32 -6.32 41.17
CA LYS D 40 22.18 -7.76 41.19
C LYS D 40 20.97 -8.20 42.01
N GLY D 41 20.46 -9.39 41.69
CA GLY D 41 19.39 -9.99 42.46
C GLY D 41 18.10 -9.21 42.46
N SER D 42 17.85 -8.40 41.44
CA SER D 42 16.65 -7.58 41.36
C SER D 42 16.08 -7.69 39.95
N GLU D 43 14.85 -8.20 39.85
CA GLU D 43 14.18 -8.27 38.56
C GLU D 43 13.76 -6.88 38.11
N ASN D 44 14.07 -6.54 36.86
CA ASN D 44 13.76 -5.24 36.29
C ASN D 44 13.11 -5.44 34.93
N GLN D 45 12.47 -4.38 34.44
CA GLN D 45 11.77 -4.40 33.16
C GLN D 45 12.50 -3.45 32.20
N LEU D 46 12.99 -4.00 31.10
CA LEU D 46 13.76 -3.27 30.10
C LEU D 46 13.19 -3.55 28.72
N PRO D 47 13.45 -2.66 27.75
CA PRO D 47 13.07 -2.97 26.37
C PRO D 47 13.81 -4.19 25.85
N GLN D 48 13.22 -4.83 24.84
CA GLN D 48 13.76 -6.10 24.36
C GLN D 48 15.13 -5.92 23.73
N TRP D 49 15.34 -4.83 22.98
CA TRP D 49 16.64 -4.63 22.34
C TRP D 49 17.74 -4.42 23.37
N LEU D 50 17.43 -3.72 24.47
CA LEU D 50 18.43 -3.49 25.50
C LEU D 50 18.69 -4.75 26.31
N ALA D 51 17.66 -5.56 26.54
CA ALA D 51 17.83 -6.81 27.28
C ALA D 51 18.68 -7.81 26.51
N ILE D 52 18.56 -7.83 25.18
CA ILE D 52 19.38 -8.73 24.38
C ILE D 52 20.84 -8.31 24.42
N ILE D 53 21.10 -7.00 24.37
CA ILE D 53 22.47 -6.50 24.45
C ILE D 53 23.09 -6.87 25.79
N LEU D 54 22.34 -6.68 26.88
CA LEU D 54 22.86 -7.00 28.21
C LEU D 54 22.94 -8.50 28.45
N GLU D 55 22.16 -9.30 27.73
CA GLU D 55 22.28 -10.76 27.86
C GLU D 55 23.54 -11.28 27.19
N GLY D 56 23.91 -10.71 26.03
CA GLY D 56 25.12 -11.13 25.36
C GLY D 56 26.37 -10.74 26.12
N LYS D 57 26.30 -9.69 26.94
CA LYS D 57 27.40 -9.26 27.79
C LYS D 57 27.38 -9.93 29.16
N LYS D 58 26.48 -10.91 29.36
CA LYS D 58 26.35 -11.62 30.64
C LYS D 58 26.05 -10.67 31.79
N VAL D 59 25.44 -9.52 31.49
CA VAL D 59 25.02 -8.59 32.52
C VAL D 59 23.73 -9.05 33.18
N ALA D 60 22.84 -9.66 32.41
CA ALA D 60 21.56 -10.14 32.93
C ALA D 60 21.07 -11.28 32.04
N LYS D 61 19.95 -11.88 32.45
CA LYS D 61 19.39 -13.02 31.74
C LYS D 61 17.89 -12.80 31.52
N ILE D 62 17.42 -13.20 30.34
CA ILE D 62 16.03 -13.08 29.96
C ILE D 62 15.27 -14.30 30.49
N GLU D 63 14.12 -14.05 31.13
CA GLU D 63 13.40 -15.09 31.86
C GLU D 63 12.25 -15.69 31.07
N ASP D 64 11.42 -14.86 30.43
CA ASP D 64 10.21 -15.34 29.76
C ASP D 64 10.51 -15.69 28.30
N LYS D 65 11.27 -16.77 28.13
CA LYS D 65 11.56 -17.30 26.82
C LYS D 65 10.63 -18.45 26.49
N ILE D 66 10.27 -18.56 25.21
CA ILE D 66 9.42 -19.64 24.74
C ILE D 66 10.27 -20.87 24.50
N SER D 67 9.65 -22.05 24.66
CA SER D 67 10.34 -23.32 24.53
C SER D 67 9.58 -24.22 23.56
N ILE D 68 10.22 -25.32 23.17
CA ILE D 68 9.57 -26.25 22.24
C ILE D 68 8.41 -26.96 22.92
N GLU D 69 8.47 -27.14 24.24
CA GLU D 69 7.34 -27.71 24.96
C GLU D 69 6.13 -26.78 24.93
N ASP D 70 6.35 -25.47 24.95
CA ASP D 70 5.24 -24.53 24.87
C ASP D 70 4.58 -24.57 23.50
N LEU D 71 5.37 -24.76 22.43
CA LEU D 71 4.79 -24.86 21.10
C LEU D 71 3.96 -26.12 20.94
N GLY D 72 4.46 -27.25 21.45
CA GLY D 72 3.69 -28.48 21.38
C GLY D 72 2.41 -28.43 22.19
N ARG D 73 2.43 -27.68 23.30
CA ARG D 73 1.23 -27.55 24.11
C ARG D 73 0.19 -26.68 23.40
N ILE D 74 0.64 -25.62 22.71
CA ILE D 74 -0.27 -24.78 21.95
C ILE D 74 -0.87 -25.57 20.79
N LEU D 75 -0.07 -26.38 20.12
CA LEU D 75 -0.57 -27.19 19.02
C LEU D 75 -1.58 -28.21 19.51
N PHE D 76 -1.30 -28.85 20.65
CA PHE D 76 -2.22 -29.83 21.21
C PHE D 76 -3.57 -29.20 21.52
N GLN D 77 -3.56 -28.07 22.23
CA GLN D 77 -4.80 -27.38 22.56
C GLN D 77 -5.53 -26.91 21.30
N GLU D 78 -4.79 -26.62 20.23
CA GLU D 78 -5.41 -26.18 19.00
C GLU D 78 -6.05 -27.33 18.23
N ARG D 79 -5.51 -28.54 18.35
CA ARG D 79 -6.08 -29.70 17.68
C ARG D 79 -7.30 -30.26 18.39
N GLN D 80 -7.48 -29.96 19.68
CA GLN D 80 -8.62 -30.50 20.42
C GLN D 80 -9.94 -30.01 19.83
N ASN D 81 -9.99 -28.75 19.41
CA ASN D 81 -11.19 -28.19 18.79
C ASN D 81 -10.84 -27.62 17.43
N MET D 82 -10.31 -28.47 16.54
CA MET D 82 -9.80 -28.00 15.27
C MET D 82 -10.91 -27.42 14.38
N ASN D 83 -12.12 -27.96 14.47
CA ASN D 83 -13.23 -27.50 13.67
C ASN D 83 -14.03 -26.39 14.34
N THR D 84 -13.68 -26.01 15.58
CA THR D 84 -14.40 -24.96 16.28
C THR D 84 -13.67 -23.64 16.09
N PRO D 85 -14.24 -22.66 15.38
CA PRO D 85 -13.48 -21.44 15.09
C PRO D 85 -13.25 -20.56 16.30
N ALA D 86 -14.17 -20.56 17.28
CA ALA D 86 -14.05 -19.71 18.45
C ALA D 86 -13.27 -20.38 19.58
N SER D 87 -12.33 -21.25 19.27
CA SER D 87 -11.52 -21.94 20.27
C SER D 87 -10.03 -21.65 20.08
N LEU D 88 -9.72 -20.42 19.67
CA LEU D 88 -8.33 -20.01 19.54
C LEU D 88 -7.67 -19.94 20.92
N VAL D 89 -6.48 -20.51 21.04
CA VAL D 89 -5.72 -20.41 22.29
C VAL D 89 -5.26 -18.96 22.46
N PRO D 90 -5.52 -18.32 23.60
CA PRO D 90 -5.02 -16.96 23.81
C PRO D 90 -3.50 -16.90 23.85
N LEU D 91 -2.89 -16.28 22.85
CA LEU D 91 -1.44 -16.21 22.74
C LEU D 91 -0.86 -14.92 23.29
N GLY D 92 -1.37 -13.77 22.85
CA GLY D 92 -0.91 -12.49 23.31
C GLY D 92 -0.15 -11.74 22.23
N LYS D 93 0.30 -10.54 22.61
CA LYS D 93 0.98 -9.67 21.66
C LYS D 93 2.47 -10.02 21.52
N ASP D 94 3.07 -10.59 22.55
CA ASP D 94 4.49 -10.89 22.55
C ASP D 94 4.81 -12.31 22.11
N PHE D 95 3.80 -13.09 21.69
CA PHE D 95 4.07 -14.45 21.24
C PHE D 95 4.91 -14.46 19.98
N THR D 96 4.56 -13.62 19.00
CA THR D 96 5.28 -13.61 17.73
C THR D 96 6.74 -13.20 17.93
N SER D 97 6.99 -12.20 18.77
CA SER D 97 8.35 -11.76 19.01
C SER D 97 9.17 -12.84 19.73
N ARG D 98 8.56 -13.50 20.71
CA ARG D 98 9.28 -14.55 21.44
C ARG D 98 9.56 -15.76 20.56
N VAL D 99 8.68 -16.05 19.60
CA VAL D 99 8.94 -17.14 18.66
C VAL D 99 10.06 -16.75 17.70
N GLN D 100 10.04 -15.51 17.20
CA GLN D 100 11.10 -15.06 16.31
C GLN D 100 12.45 -15.08 17.00
N LEU D 101 12.49 -14.74 18.29
CA LEU D 101 13.74 -14.82 19.04
C LEU D 101 14.16 -16.26 19.28
N TYR D 102 13.19 -17.16 19.45
CA TYR D 102 13.50 -18.57 19.63
C TYR D 102 14.14 -19.17 18.39
N LEU D 103 13.62 -18.84 17.21
CA LEU D 103 14.21 -19.34 15.97
C LEU D 103 15.52 -18.63 15.66
N GLU D 104 15.70 -17.40 16.16
CA GLU D 104 16.95 -16.68 15.92
C GLU D 104 18.10 -17.28 16.71
N THR D 105 17.84 -17.68 17.96
CA THR D 105 18.91 -18.27 18.77
C THR D 105 19.28 -19.67 18.28
N LEU D 106 18.31 -20.43 17.78
CA LEU D 106 18.61 -21.76 17.27
C LEU D 106 19.43 -21.69 15.98
N ARG D 107 19.10 -20.74 15.11
CA ARG D 107 19.85 -20.55 13.87
C ARG D 107 21.20 -19.89 14.10
N LYS D 108 21.38 -19.17 15.21
CA LYS D 108 22.67 -18.57 15.52
C LYS D 108 23.65 -19.61 16.06
N ASP D 109 23.17 -20.55 16.88
CA ASP D 109 24.05 -21.57 17.44
C ASP D 109 24.63 -22.46 16.35
N ASN D 110 23.87 -22.72 15.29
CA ASN D 110 24.31 -23.52 14.15
C ASN D 110 24.74 -24.93 14.53
N ASN D 111 24.30 -25.42 15.67
CA ASN D 111 24.62 -26.78 16.09
C ASN D 111 23.74 -27.78 15.34
N VAL D 112 24.16 -29.04 15.35
CA VAL D 112 23.36 -30.09 14.73
C VAL D 112 22.04 -30.27 15.46
N GLU D 113 22.07 -30.28 16.79
CA GLU D 113 20.85 -30.35 17.57
C GLU D 113 19.95 -29.15 17.31
N SER D 114 20.55 -27.99 17.06
CA SER D 114 19.76 -26.81 16.74
C SER D 114 19.06 -26.95 15.39
N LEU D 115 19.62 -27.74 14.47
CA LEU D 115 19.01 -27.91 13.17
C LEU D 115 17.78 -28.82 13.26
N GLU D 116 17.93 -29.98 13.91
CA GLU D 116 16.81 -30.91 14.02
C GLU D 116 15.71 -30.35 14.91
N LYS D 117 16.09 -29.63 15.98
CA LYS D 117 15.08 -28.98 16.81
C LYS D 117 14.40 -27.84 16.07
N LEU D 118 15.11 -27.20 15.13
CA LEU D 118 14.49 -26.16 14.32
C LEU D 118 13.45 -26.76 13.38
N ARG D 119 13.80 -27.87 12.72
CA ARG D 119 12.85 -28.52 11.81
C ARG D 119 11.62 -28.99 12.55
N LYS D 120 11.79 -29.52 13.77
CA LYS D 120 10.65 -29.94 14.57
C LYS D 120 9.80 -28.76 14.99
N SER D 121 10.43 -27.62 15.28
CA SER D 121 9.69 -26.43 15.65
C SER D 121 8.96 -25.81 14.46
N ILE D 122 9.56 -25.88 13.27
CA ILE D 122 8.88 -25.38 12.08
C ILE D 122 7.66 -26.22 11.75
N GLY D 123 7.77 -27.54 11.93
CA GLY D 123 6.63 -28.41 11.70
C GLY D 123 5.51 -28.16 12.68
N ILE D 124 5.84 -27.82 13.93
CA ILE D 124 4.81 -27.50 14.91
C ILE D 124 4.19 -26.15 14.61
N LEU D 125 5.02 -25.15 14.29
CA LEU D 125 4.51 -23.82 13.99
C LEU D 125 3.66 -23.80 12.72
N ASN D 126 4.03 -24.61 11.72
CA ASN D 126 3.22 -24.68 10.50
C ASN D 126 1.85 -25.27 10.78
N GLU D 127 1.78 -26.26 11.67
CA GLU D 127 0.48 -26.81 12.06
C GLU D 127 -0.31 -25.80 12.89
N ILE D 128 0.37 -25.03 13.74
CA ILE D 128 -0.32 -24.04 14.55
C ILE D 128 -0.86 -22.91 13.67
N ILE D 129 -0.06 -22.45 12.72
CA ILE D 129 -0.48 -21.33 11.87
C ILE D 129 -1.67 -21.74 11.00
N LYS D 130 -1.62 -22.94 10.43
CA LYS D 130 -2.70 -23.39 9.54
C LYS D 130 -4.01 -23.51 10.29
N ILE D 131 -4.00 -24.16 11.46
CA ILE D 131 -5.23 -24.36 12.22
C ILE D 131 -5.78 -23.03 12.70
N ARG D 132 -4.91 -22.17 13.23
CA ARG D 132 -5.37 -20.87 13.71
C ARG D 132 -5.87 -19.99 12.58
N LEU D 133 -5.28 -20.10 11.39
CA LEU D 133 -5.78 -19.34 10.25
C LEU D 133 -7.15 -19.84 9.81
N ARG D 134 -7.36 -21.16 9.85
CA ARG D 134 -8.68 -21.71 9.54
C ARG D 134 -9.74 -21.08 10.44
N LYS D 135 -9.49 -21.10 11.75
CA LYS D 135 -10.46 -20.53 12.69
C LYS D 135 -10.60 -19.03 12.50
N LEU D 136 -9.49 -18.33 12.32
CA LEU D 136 -9.51 -16.87 12.25
C LEU D 136 -10.24 -16.39 11.00
N ILE D 137 -10.00 -17.02 9.85
CA ILE D 137 -10.69 -16.61 8.63
C ILE D 137 -12.18 -16.91 8.74
N GLN D 138 -12.53 -18.05 9.36
CA GLN D 138 -13.94 -18.38 9.54
C GLN D 138 -14.63 -17.37 10.44
N LEU D 139 -13.95 -16.92 11.49
CA LEU D 139 -14.52 -15.89 12.35
C LEU D 139 -14.80 -14.61 11.57
N ALA D 140 -13.91 -14.26 10.64
CA ALA D 140 -14.14 -13.08 9.81
C ALA D 140 -15.28 -13.29 8.84
N PHE D 141 -15.36 -14.48 8.25
CA PHE D 141 -16.44 -14.80 7.32
C PHE D 141 -17.79 -14.80 8.02
N LEU D 142 -17.83 -15.31 9.26
CA LEU D 142 -19.06 -15.33 10.04
C LEU D 142 -19.40 -13.97 10.62
N ASN D 143 -18.46 -13.02 10.62
CA ASN D 143 -18.68 -11.66 11.14
C ASN D 143 -19.21 -11.71 12.57
N ILE D 144 -18.35 -12.18 13.46
CA ILE D 144 -18.67 -12.31 14.89
C ILE D 144 -17.65 -11.49 15.66
N ASP D 145 -18.08 -10.37 16.22
CA ASP D 145 -17.20 -9.47 16.97
C ASP D 145 -17.30 -9.83 18.45
N ASP D 146 -16.44 -10.76 18.88
CA ASP D 146 -16.36 -11.18 20.26
C ASP D 146 -15.10 -10.60 20.87
N GLN D 147 -15.27 -9.79 21.92
CA GLN D 147 -14.12 -9.11 22.52
C GLN D 147 -13.15 -10.10 23.16
N ASN D 148 -13.65 -11.22 23.67
CA ASN D 148 -12.76 -12.21 24.27
C ASN D 148 -11.89 -12.89 23.23
N LEU D 149 -12.45 -13.13 22.04
CA LEU D 149 -11.69 -13.78 20.98
C LEU D 149 -10.64 -12.86 20.39
N ILE D 150 -10.98 -11.58 20.22
CA ILE D 150 -10.05 -10.63 19.61
C ILE D 150 -8.81 -10.48 20.49
N ASN D 151 -8.99 -10.46 21.82
CA ASN D 151 -7.85 -10.35 22.71
C ASN D 151 -6.91 -11.54 22.60
N GLY D 152 -7.46 -12.73 22.31
CA GLY D 152 -6.63 -13.92 22.17
C GLY D 152 -5.80 -13.95 20.90
N MET D 153 -6.06 -13.06 19.96
CA MET D 153 -5.30 -13.00 18.72
C MET D 153 -4.03 -12.18 18.91
N THR D 154 -2.97 -12.58 18.20
CA THR D 154 -1.78 -11.76 18.14
C THR D 154 -2.06 -10.52 17.29
N GLU D 155 -1.10 -9.58 17.29
CA GLU D 155 -1.27 -8.38 16.49
C GLU D 155 -1.31 -8.70 15.00
N GLU D 156 -0.49 -9.65 14.56
CA GLU D 156 -0.50 -10.03 13.15
C GLU D 156 -1.81 -10.71 12.77
N GLU D 157 -2.29 -11.62 13.61
CA GLU D 157 -3.55 -12.31 13.32
C GLU D 157 -4.73 -11.35 13.36
N LEU D 158 -4.72 -10.42 14.31
CA LEU D 158 -5.80 -9.43 14.39
C LEU D 158 -5.86 -8.59 13.12
N LEU D 159 -4.70 -8.24 12.57
CA LEU D 159 -4.66 -7.48 11.33
C LEU D 159 -5.27 -8.26 10.18
N ILE D 160 -4.91 -9.54 10.06
CA ILE D 160 -5.48 -10.40 9.02
C ILE D 160 -6.98 -10.53 9.20
N TYR D 161 -7.43 -10.70 10.45
CA TYR D 161 -8.84 -10.86 10.75
C TYR D 161 -9.64 -9.62 10.34
N LYS D 162 -9.13 -8.43 10.67
CA LYS D 162 -9.86 -7.20 10.36
C LYS D 162 -9.79 -6.86 8.88
N THR D 163 -8.68 -7.19 8.21
CA THR D 163 -8.57 -6.89 6.78
C THR D 163 -9.61 -7.64 5.97
N ILE D 164 -9.81 -8.92 6.28
CA ILE D 164 -10.77 -9.71 5.51
C ILE D 164 -12.20 -9.36 5.89
N LYS D 165 -12.45 -9.03 7.16
CA LYS D 165 -13.76 -8.54 7.56
C LYS D 165 -14.13 -7.28 6.80
N GLN D 166 -13.23 -6.31 6.75
CA GLN D 166 -13.50 -5.06 6.05
C GLN D 166 -13.61 -5.28 4.54
N LEU D 167 -12.85 -6.22 3.99
CA LEU D 167 -12.90 -6.48 2.56
C LEU D 167 -14.25 -7.08 2.15
N ILE D 168 -14.78 -7.99 2.98
CA ILE D 168 -16.08 -8.59 2.68
C ILE D 168 -17.19 -7.56 2.86
N LYS D 169 -17.11 -6.74 3.90
CA LYS D 169 -18.15 -5.75 4.15
C LYS D 169 -18.18 -4.68 3.06
N GLU D 170 -17.01 -4.30 2.54
CA GLU D 170 -16.95 -3.27 1.52
C GLU D 170 -17.37 -3.80 0.16
N LEU D 171 -16.96 -5.01 -0.19
CA LEU D 171 -17.27 -5.56 -1.51
C LEU D 171 -18.74 -5.96 -1.61
N TYR D 172 -19.30 -6.55 -0.57
CA TYR D 172 -20.67 -7.03 -0.58
C TYR D 172 -21.59 -6.18 0.30
N GLY D 173 -21.25 -4.90 0.44
CA GLY D 173 -22.14 -3.93 1.04
C GLY D 173 -22.32 -2.75 0.11
N ASP D 174 -21.48 -2.69 -0.92
CA ASP D 174 -21.55 -1.64 -1.92
C ASP D 174 -22.59 -1.98 -2.98
#